data_3LSO
#
_entry.id   3LSO
#
_cell.length_a   73.205
_cell.length_b   95.517
_cell.length_c   160.778
_cell.angle_alpha   90.00
_cell.angle_beta   90.00
_cell.angle_gamma   90.00
#
_symmetry.space_group_name_H-M   'P 21 21 21'
#
loop_
_entity.id
_entity.type
_entity.pdbx_description
1 polymer 'Putative membrane anchored protein'
2 polymer 'Putative membrane anchored protein'
3 non-polymer 'CHLORIDE ION'
4 water water
#
loop_
_entity_poly.entity_id
_entity_poly.type
_entity_poly.pdbx_seq_one_letter_code
_entity_poly.pdbx_strand_id
1 'polypeptide(L)'
;SNAASATETNTAPSADTQAPKPVNTVTSDVDCSVSAAWGLYKFNQKSNFSAEFE(MSE)PESVKAGTGFDALIKIKDISV
SNDNLSGYKNAKLTKSSIRINVGKNVKLDGNQPGLSLSNGVLSINDHLKASLEGNSLRISAAPITVRLQALTEGTLTFIP
EKTILTNTASVDGYTANTTCTTNADKPFATVKVDPADGLTITAPESASIKQDVQITATVPEKLNEK(MSE)DGKVQFFVN
HIAAGDPVPVTEDN(MLZ)ASTSIIFDTSGSKTITARFIDAEGYNPAPDGETIIPVVTELDTKKPEDTDSYTGLINGSAT
SLLKPAKV(MSE)PGEKVSVSASLLPNKAPIRVYEIGINAPEDVKYIDGTGKTNYSSKLATTGSVFSSPGSGYYDPEWKN
ESKKPNESYRGFHSDTSYSVVDTSPQTVSAEFEIPKTLAPGIY(MSE)FQ(MSE)GVYKYSNSLKDLVSIPETAFEIAGP
DLPALPERKIKPQPEETPEVSDGSSTAKLVKSP
;
A
2 'polypeptide(L)'
;SNAASATETNTAPSADTQAPKPVNTVTSDVDCSVSAAWGLYKFNQKSNFSAEFE(MSE)PESVKAGTGFDALIKIKDISV
SNDNLSGYKNAKLTKSSIRINVGKNVKLDGNQPGLSLSNGVLSINDHLKASLEGNSLRISAAPITVRLQALTEGTLTFIP
EKTILTNTASVDGYTANTTCTTNADKPFATVKVDPADGLTITAPESASIKQDVQITATVPEKLNEK(MSE)DGKVQFFVN
HIAAGDPVPVTEDNKASTSIIFDTSGSKTITARFIDAEGYNPAPDGETIIPVVTELDTKKPEDTDSYTGLINGSATSLLK
PAKV(MSE)PGEKVSVSASLLPNKAPIRVYEIGINAPEDVKYIDGTGKTNYSSKLATTGSVFSSPGSGYYDPEWKNESKK
PNESYRGFHSDTSYSVVDTSPQTVSAEFEIP(MLZ)TLAPGIY(MSE)FQ(MSE)GVYKYSNSLKDLVSIPETAFEIAGP
DLPALPERKIKPQPEETPEVSDGSSTAKLVKSP
;
B
#
loop_
_chem_comp.id
_chem_comp.type
_chem_comp.name
_chem_comp.formula
CL non-polymer 'CHLORIDE ION' 'Cl -1'
#
# COMPACT_ATOMS: atom_id res chain seq x y z
N ASN A 24 3.16 -16.76 9.83
CA ASN A 24 2.36 -15.49 9.74
C ASN A 24 2.14 -14.85 11.12
N THR A 25 3.10 -15.07 12.04
CA THR A 25 3.12 -14.39 13.34
C THR A 25 3.85 -13.05 13.19
N VAL A 26 3.06 -11.97 13.11
CA VAL A 26 3.59 -10.62 12.87
C VAL A 26 3.92 -9.84 14.15
N THR A 27 5.20 -9.44 14.25
CA THR A 27 5.72 -8.66 15.37
C THR A 27 5.87 -7.18 15.02
N SER A 28 5.66 -6.31 16.02
CA SER A 28 5.83 -4.86 15.88
C SER A 28 5.91 -4.20 17.25
N ASP A 29 6.98 -3.47 17.49
CA ASP A 29 7.18 -2.83 18.81
C ASP A 29 6.35 -1.57 19.01
N VAL A 30 6.01 -1.34 20.27
CA VAL A 30 5.06 -0.30 20.65
C VAL A 30 5.62 0.68 21.69
N ASP A 31 5.05 1.89 21.70
CA ASP A 31 5.41 2.93 22.65
C ASP A 31 4.21 3.27 23.52
N CYS A 32 4.29 2.92 24.80
CA CYS A 32 3.16 3.08 25.70
C CYS A 32 3.26 4.29 26.65
N SER A 33 2.18 5.05 26.75
CA SER A 33 2.06 6.14 27.74
C SER A 33 1.13 5.71 28.85
N VAL A 34 1.58 5.84 30.09
CA VAL A 34 0.74 5.54 31.24
C VAL A 34 0.38 6.82 31.99
N SER A 35 -0.91 7.01 32.26
CA SER A 35 -1.40 8.01 33.21
C SER A 35 -2.04 7.29 34.40
N ALA A 36 -1.54 7.54 35.58
CA ALA A 36 -2.07 6.87 36.77
C ALA A 36 -2.32 7.92 37.83
N ALA A 37 -3.12 7.57 38.84
CA ALA A 37 -3.45 8.47 39.93
C ALA A 37 -3.94 9.82 39.41
N TRP A 38 -4.92 9.79 38.53
CA TRP A 38 -5.52 11.02 38.04
C TRP A 38 -4.52 11.94 37.30
N GLY A 39 -3.54 11.34 36.62
CA GLY A 39 -2.54 12.07 35.84
C GLY A 39 -1.37 12.60 36.65
N LEU A 40 -1.38 12.33 37.95
CA LEU A 40 -0.28 12.76 38.80
C LEU A 40 0.99 11.95 38.61
N TYR A 41 0.90 10.83 37.91
CA TYR A 41 2.01 9.90 37.73
C TYR A 41 1.97 9.31 36.32
N LYS A 42 2.63 10.03 35.39
CA LYS A 42 2.78 9.68 33.97
C LYS A 42 4.15 9.05 33.66
N PHE A 43 4.18 7.95 32.90
CA PHE A 43 5.46 7.42 32.41
C PHE A 43 5.43 6.69 31.05
N ASN A 44 6.56 6.68 30.37
CA ASN A 44 6.72 5.90 29.15
C ASN A 44 7.34 4.53 29.36
N GLN A 45 6.98 3.64 28.46
CA GLN A 45 7.33 2.25 28.56
C GLN A 45 7.36 1.70 27.15
N LYS A 46 8.39 0.91 26.83
CA LYS A 46 8.52 0.31 25.50
C LYS A 46 8.15 -1.16 25.56
N SER A 47 7.67 -1.70 24.45
CA SER A 47 7.27 -3.10 24.43
C SER A 47 7.08 -3.65 23.04
N ASN A 48 6.67 -4.92 22.95
CA ASN A 48 6.41 -5.59 21.67
C ASN A 48 5.01 -6.22 21.58
N PHE A 49 4.27 -5.87 20.53
CA PHE A 49 2.99 -6.52 20.26
C PHE A 49 3.13 -7.52 19.13
N SER A 50 2.70 -8.75 19.38
CA SER A 50 2.95 -9.87 18.44
C SER A 50 1.70 -10.75 18.26
N ALA A 51 1.28 -11.00 17.02
CA ALA A 51 0.05 -11.76 16.75
C ALA A 51 0.05 -12.65 15.49
N GLU A 52 -0.57 -13.82 15.61
CA GLU A 52 -0.76 -14.77 14.49
C GLU A 52 -2.20 -14.73 13.98
N PHE A 53 -2.37 -14.31 12.71
CA PHE A 53 -3.69 -14.28 12.07
C PHE A 53 -3.87 -15.42 11.08
N GLU A 54 -4.64 -16.43 11.46
CA GLU A 54 -4.94 -17.55 10.55
C GLU A 54 -6.26 -17.37 9.82
N MSE A 55 -6.19 -17.15 8.52
CA MSE A 55 -7.39 -17.02 7.71
C MSE A 55 -7.16 -17.76 6.41
O MSE A 55 -6.01 -18.00 6.04
CB MSE A 55 -7.64 -15.56 7.38
CG MSE A 55 -7.81 -14.68 8.59
SE MSE A 55 -7.45 -12.88 8.07
CE MSE A 55 -9.16 -12.42 7.29
N PRO A 56 -8.26 -18.12 5.72
CA PRO A 56 -8.11 -18.66 4.38
C PRO A 56 -7.23 -17.75 3.51
N GLU A 57 -6.48 -18.38 2.61
CA GLU A 57 -5.67 -17.64 1.65
C GLU A 57 -6.59 -16.81 0.73
N SER A 58 -7.75 -17.39 0.42
CA SER A 58 -8.64 -16.87 -0.60
C SER A 58 -10.08 -17.03 -0.11
N VAL A 59 -10.96 -16.09 -0.44
CA VAL A 59 -12.41 -16.29 -0.30
C VAL A 59 -13.24 -15.68 -1.42
N LYS A 60 -14.51 -16.04 -1.41
CA LYS A 60 -15.50 -15.45 -2.30
C LYS A 60 -16.21 -14.32 -1.55
N ALA A 61 -16.54 -13.24 -2.28
CA ALA A 61 -17.32 -12.14 -1.73
C ALA A 61 -18.69 -12.65 -1.32
N GLY A 62 -19.07 -12.46 -0.06
CA GLY A 62 -20.38 -12.87 0.42
C GLY A 62 -20.40 -14.13 1.25
N THR A 63 -19.29 -14.88 1.26
CA THR A 63 -19.16 -16.15 1.99
C THR A 63 -18.50 -15.96 3.37
N GLY A 64 -19.22 -16.29 4.45
CA GLY A 64 -18.67 -16.20 5.80
C GLY A 64 -17.37 -16.99 5.92
N PHE A 65 -16.48 -16.51 6.78
CA PHE A 65 -15.21 -17.20 7.05
C PHE A 65 -14.67 -16.83 8.42
N ASP A 66 -13.81 -17.68 8.95
CA ASP A 66 -13.28 -17.46 10.27
C ASP A 66 -11.90 -16.84 10.23
N ALA A 67 -11.62 -16.05 11.24
CA ALA A 67 -10.29 -15.52 11.47
C ALA A 67 -9.92 -15.90 12.88
N LEU A 68 -8.94 -16.78 13.04
CA LEU A 68 -8.40 -17.09 14.36
C LEU A 68 -7.25 -16.16 14.70
N ILE A 69 -7.33 -15.46 15.84
CA ILE A 69 -6.23 -14.58 16.30
C ILE A 69 -5.53 -15.14 17.53
N LYS A 70 -4.33 -15.67 17.35
CA LYS A 70 -3.49 -15.99 18.50
C LYS A 70 -2.65 -14.75 18.85
N ILE A 71 -2.85 -14.22 20.06
CA ILE A 71 -2.02 -13.13 20.55
C ILE A 71 -0.96 -13.70 21.46
N LYS A 72 0.30 -13.40 21.18
CA LYS A 72 1.42 -13.93 21.98
C LYS A 72 1.67 -13.06 23.21
N ASP A 73 2.07 -13.71 24.31
CA ASP A 73 2.28 -13.05 25.61
C ASP A 73 3.28 -11.91 25.53
N ILE A 74 3.08 -10.89 26.37
CA ILE A 74 4.05 -9.81 26.48
C ILE A 74 4.59 -9.67 27.90
N SER A 75 5.91 -9.48 28.02
CA SER A 75 6.52 -9.03 29.27
C SER A 75 6.82 -7.53 29.26
N VAL A 76 6.55 -6.88 30.37
CA VAL A 76 6.92 -5.48 30.54
C VAL A 76 7.76 -5.40 31.81
N SER A 77 8.93 -4.80 31.72
CA SER A 77 9.88 -4.85 32.82
C SER A 77 10.25 -3.52 33.47
N ASN A 78 9.23 -2.71 33.79
CA ASN A 78 9.38 -1.61 34.75
C ASN A 78 9.87 -2.15 36.10
N ASP A 79 10.74 -1.42 36.79
CA ASP A 79 11.26 -1.85 38.11
C ASP A 79 10.32 -1.66 39.33
N ASN A 80 9.35 -0.74 39.21
CA ASN A 80 8.32 -0.51 40.23
C ASN A 80 7.25 -1.60 40.33
N LEU A 81 7.22 -2.48 39.32
CA LEU A 81 6.31 -3.63 39.30
C LEU A 81 6.59 -4.63 40.44
N SER A 82 7.87 -4.85 40.74
CA SER A 82 8.28 -5.60 41.92
C SER A 82 7.69 -4.97 43.20
N GLY A 83 7.36 -3.67 43.13
CA GLY A 83 6.81 -2.94 44.26
C GLY A 83 5.31 -3.03 44.44
N TYR A 84 4.58 -3.46 43.41
CA TYR A 84 3.11 -3.54 43.44
C TYR A 84 2.54 -4.86 43.99
N LYS A 85 1.34 -4.80 44.56
CA LYS A 85 0.75 -5.95 45.24
C LYS A 85 -0.38 -6.62 44.46
N ASN A 86 -1.09 -5.86 43.63
CA ASN A 86 -2.14 -6.43 42.77
C ASN A 86 -2.32 -5.69 41.42
N ALA A 87 -2.92 -6.39 40.45
CA ALA A 87 -3.15 -5.82 39.13
C ALA A 87 -4.14 -6.66 38.36
N LYS A 88 -5.04 -5.97 37.68
CA LYS A 88 -5.96 -6.58 36.73
C LYS A 88 -6.31 -5.49 35.74
N LEU A 89 -6.65 -5.88 34.51
CA LEU A 89 -7.17 -4.92 33.52
C LEU A 89 -8.68 -4.78 33.66
N THR A 90 -9.19 -3.57 33.49
CA THR A 90 -10.63 -3.34 33.61
C THR A 90 -11.25 -3.04 32.26
N LYS A 91 -10.44 -2.46 31.36
CA LYS A 91 -10.77 -2.25 29.95
C LYS A 91 -9.55 -2.62 29.09
N SER A 92 -9.77 -3.03 27.85
CA SER A 92 -8.71 -3.15 26.86
C SER A 92 -9.27 -3.10 25.45
N SER A 93 -8.42 -2.72 24.51
CA SER A 93 -8.74 -2.68 23.08
C SER A 93 -7.53 -2.96 22.22
N ILE A 94 -7.68 -3.89 21.30
CA ILE A 94 -6.70 -4.10 20.24
C ILE A 94 -7.30 -3.47 18.99
N ARG A 95 -6.65 -2.45 18.46
CA ARG A 95 -7.22 -1.77 17.30
C ARG A 95 -6.52 -2.16 15.98
N ILE A 96 -7.29 -2.77 15.08
CA ILE A 96 -6.79 -3.24 13.79
C ILE A 96 -7.54 -2.63 12.61
N ASN A 97 -6.79 -2.06 11.68
CA ASN A 97 -7.32 -1.46 10.46
C ASN A 97 -7.59 -2.56 9.44
N VAL A 98 -8.86 -2.95 9.36
CA VAL A 98 -9.26 -4.06 8.49
C VAL A 98 -9.91 -3.61 7.18
N GLY A 99 -9.90 -2.31 6.94
CA GLY A 99 -10.43 -1.75 5.70
C GLY A 99 -11.94 -1.72 5.65
N LYS A 100 -12.47 -1.27 4.52
CA LYS A 100 -13.90 -0.99 4.38
C LYS A 100 -14.65 -2.02 3.51
N ASN A 101 -13.95 -3.08 3.12
CA ASN A 101 -14.52 -4.13 2.28
C ASN A 101 -15.00 -5.34 3.10
N VAL A 102 -15.17 -5.16 4.41
CA VAL A 102 -15.53 -6.29 5.28
C VAL A 102 -16.59 -5.90 6.32
N LYS A 103 -17.38 -6.87 6.75
CA LYS A 103 -18.25 -6.71 7.90
C LYS A 103 -18.12 -7.92 8.80
N LEU A 104 -18.51 -7.74 10.06
CA LEU A 104 -18.73 -8.86 10.96
C LEU A 104 -19.97 -9.66 10.58
N ASP A 105 -19.78 -10.99 10.58
CA ASP A 105 -20.83 -11.93 10.24
C ASP A 105 -21.46 -12.45 11.54
N GLY A 106 -22.50 -11.75 11.97
CA GLY A 106 -23.26 -12.07 13.16
C GLY A 106 -22.83 -11.15 14.27
N ASN A 107 -23.78 -10.75 15.12
CA ASN A 107 -23.40 -10.06 16.35
C ASN A 107 -22.39 -10.93 17.12
N GLN A 108 -21.27 -10.31 17.50
CA GLN A 108 -20.22 -11.02 18.19
C GLN A 108 -19.79 -10.16 19.37
N PRO A 109 -20.03 -10.63 20.62
CA PRO A 109 -19.79 -9.75 21.76
C PRO A 109 -18.30 -9.61 22.00
N GLY A 110 -17.89 -8.44 22.47
CA GLY A 110 -16.49 -8.18 22.62
C GLY A 110 -15.94 -7.48 21.41
N LEU A 111 -16.33 -7.90 20.21
CA LEU A 111 -15.81 -7.32 18.95
C LEU A 111 -16.68 -6.20 18.41
N SER A 112 -16.07 -5.09 18.02
CA SER A 112 -16.84 -4.01 17.38
C SER A 112 -16.16 -3.56 16.08
N LEU A 113 -16.96 -3.17 15.08
CA LEU A 113 -16.41 -2.73 13.79
C LEU A 113 -16.98 -1.41 13.30
N SER A 114 -16.12 -0.42 13.17
CA SER A 114 -16.58 0.90 12.86
C SER A 114 -15.51 1.61 12.07
N ASN A 115 -15.88 2.03 10.86
CA ASN A 115 -15.00 2.82 10.00
C ASN A 115 -13.67 2.09 9.67
N GLY A 116 -13.79 0.82 9.31
CA GLY A 116 -12.63 -0.02 8.98
C GLY A 116 -11.74 -0.39 10.14
N VAL A 117 -12.15 0.04 11.34
CA VAL A 117 -11.50 -0.32 12.60
C VAL A 117 -12.22 -1.49 13.27
N LEU A 118 -11.56 -2.63 13.30
CA LEU A 118 -12.01 -3.73 14.13
C LEU A 118 -11.38 -3.52 15.48
N SER A 119 -12.24 -3.40 16.50
CA SER A 119 -11.79 -3.16 17.85
C SER A 119 -12.10 -4.39 18.68
N ILE A 120 -11.07 -5.00 19.21
CA ILE A 120 -11.24 -6.17 20.03
C ILE A 120 -11.22 -5.72 21.48
N ASN A 121 -12.34 -5.82 22.17
CA ASN A 121 -12.42 -5.21 23.49
C ASN A 121 -12.44 -6.19 24.64
N ASP A 122 -11.79 -5.80 25.75
CA ASP A 122 -11.84 -6.54 27.01
C ASP A 122 -11.35 -8.00 26.92
N HIS A 123 -10.41 -8.27 26.01
CA HIS A 123 -9.88 -9.63 25.86
C HIS A 123 -8.53 -9.83 26.56
N LEU A 124 -7.86 -8.77 26.95
CA LEU A 124 -6.54 -8.88 27.60
C LEU A 124 -6.57 -9.19 29.12
N LYS A 125 -5.82 -10.19 29.54
CA LYS A 125 -5.65 -10.49 30.96
C LYS A 125 -4.26 -10.01 31.39
N ALA A 126 -4.12 -9.60 32.65
CA ALA A 126 -2.83 -9.13 33.17
C ALA A 126 -2.49 -9.72 34.51
N SER A 127 -1.53 -10.64 34.50
CA SER A 127 -1.09 -11.35 35.67
C SER A 127 0.21 -10.69 36.16
N LEU A 128 0.26 -10.25 37.41
CA LEU A 128 1.50 -9.69 37.95
C LEU A 128 2.51 -10.82 38.27
N GLU A 129 3.80 -10.54 38.08
CA GLU A 129 4.85 -11.57 38.17
C GLU A 129 6.16 -10.99 38.66
N GLY A 130 6.16 -10.57 39.92
CA GLY A 130 7.31 -9.93 40.55
C GLY A 130 7.72 -8.63 39.89
N ASN A 131 8.83 -8.73 39.16
CA ASN A 131 9.49 -7.63 38.46
C ASN A 131 8.82 -7.31 37.14
N SER A 132 8.00 -8.25 36.68
CA SER A 132 7.43 -8.24 35.33
C SER A 132 5.90 -8.10 35.37
N LEU A 133 5.32 -7.72 34.23
CA LEU A 133 3.88 -7.75 34.05
C LEU A 133 3.53 -8.49 32.76
N ARG A 134 2.89 -9.65 32.92
CA ARG A 134 2.61 -10.56 31.82
C ARG A 134 1.16 -10.39 31.30
N ILE A 135 1.03 -9.76 30.13
CA ILE A 135 -0.27 -9.57 29.46
C ILE A 135 -0.54 -10.68 28.44
N SER A 136 -1.64 -11.42 28.65
CA SER A 136 -1.98 -12.58 27.82
C SER A 136 -3.44 -12.58 27.33
N ALA A 137 -3.75 -13.48 26.40
CA ALA A 137 -5.08 -13.59 25.77
C ALA A 137 -5.36 -14.97 25.18
N ALA A 138 -6.51 -15.54 25.54
CA ALA A 138 -7.00 -16.71 24.83
C ALA A 138 -7.30 -16.29 23.38
N PRO A 139 -6.95 -17.15 22.40
CA PRO A 139 -7.17 -16.87 20.98
C PRO A 139 -8.63 -16.47 20.69
N ILE A 140 -8.82 -15.36 19.97
CA ILE A 140 -10.15 -14.86 19.63
C ILE A 140 -10.53 -15.28 18.21
N THR A 141 -11.71 -15.88 18.06
CA THR A 141 -12.22 -16.19 16.73
C THR A 141 -13.20 -15.11 16.25
N VAL A 142 -12.96 -14.61 15.04
CA VAL A 142 -13.72 -13.53 14.45
C VAL A 142 -14.22 -14.03 13.12
N ARG A 143 -15.55 -14.14 12.98
CA ARG A 143 -16.15 -14.51 11.69
C ARG A 143 -16.49 -13.24 10.89
N LEU A 144 -16.00 -13.22 9.66
CA LEU A 144 -16.12 -12.06 8.79
C LEU A 144 -16.71 -12.51 7.48
N GLN A 145 -17.21 -11.56 6.71
CA GLN A 145 -17.42 -11.78 5.29
C GLN A 145 -17.18 -10.49 4.52
N ALA A 146 -16.51 -10.64 3.38
CA ALA A 146 -16.17 -9.51 2.54
C ALA A 146 -17.36 -9.14 1.67
N LEU A 147 -17.43 -7.86 1.31
CA LEU A 147 -18.59 -7.29 0.63
C LEU A 147 -18.58 -7.45 -0.91
N THR A 148 -17.44 -7.12 -1.49
CA THR A 148 -17.26 -7.08 -2.93
C THR A 148 -15.91 -7.71 -3.26
N GLU A 149 -15.74 -8.09 -4.52
CA GLU A 149 -14.45 -8.49 -5.05
C GLU A 149 -13.34 -7.47 -4.73
N GLY A 150 -12.19 -7.97 -4.29
CA GLY A 150 -11.01 -7.14 -4.07
C GLY A 150 -10.01 -7.81 -3.15
N THR A 151 -9.41 -7.02 -2.28
CA THR A 151 -8.44 -7.54 -1.34
C THR A 151 -8.78 -7.02 0.02
N LEU A 152 -8.61 -7.87 1.03
CA LEU A 152 -8.64 -7.45 2.41
C LEU A 152 -7.21 -7.34 2.88
N THR A 153 -6.88 -6.19 3.47
CA THR A 153 -5.54 -5.95 4.03
C THR A 153 -5.66 -5.51 5.48
N PHE A 154 -5.05 -6.29 6.38
CA PHE A 154 -5.07 -5.97 7.82
C PHE A 154 -3.80 -5.27 8.32
N ILE A 155 -3.97 -4.00 8.68
CA ILE A 155 -2.91 -3.11 9.10
C ILE A 155 -3.11 -2.86 10.58
N PRO A 156 -2.03 -2.79 11.37
CA PRO A 156 -2.34 -2.35 12.72
C PRO A 156 -2.64 -0.83 12.74
N GLU A 157 -3.53 -0.42 13.63
CA GLU A 157 -3.83 0.99 13.83
C GLU A 157 -2.65 1.66 14.50
N LYS A 158 -2.48 2.97 14.30
CA LYS A 158 -1.46 3.74 15.01
C LYS A 158 -1.59 3.43 16.51
N THR A 159 -2.73 3.76 17.11
CA THR A 159 -3.01 3.41 18.49
C THR A 159 -3.50 1.98 18.51
N ILE A 160 -2.56 1.04 18.51
CA ILE A 160 -2.91 -0.38 18.45
C ILE A 160 -3.55 -0.90 19.75
N LEU A 161 -3.27 -0.23 20.87
CA LEU A 161 -3.67 -0.78 22.16
C LEU A 161 -3.93 0.28 23.23
N THR A 162 -5.11 0.18 23.84
CA THR A 162 -5.40 0.90 25.04
C THR A 162 -5.84 -0.11 26.08
N ASN A 163 -5.53 0.16 27.35
CA ASN A 163 -6.12 -0.56 28.47
C ASN A 163 -6.22 0.31 29.72
N THR A 164 -7.13 -0.07 30.62
CA THR A 164 -7.20 0.53 31.95
C THR A 164 -6.88 -0.55 33.00
N ALA A 165 -5.92 -0.24 33.87
CA ALA A 165 -5.44 -1.17 34.87
C ALA A 165 -5.83 -0.68 36.24
N SER A 166 -6.14 -1.60 37.12
CA SER A 166 -6.43 -1.28 38.48
C SER A 166 -5.27 -1.89 39.24
N VAL A 167 -4.34 -1.03 39.65
CA VAL A 167 -3.17 -1.46 40.43
C VAL A 167 -3.14 -0.85 41.83
N ASP A 168 -3.09 -1.71 42.85
CA ASP A 168 -3.02 -1.28 44.26
C ASP A 168 -4.04 -0.22 44.63
N GLY A 169 -5.24 -0.28 44.06
CA GLY A 169 -6.28 0.72 44.32
C GLY A 169 -6.23 1.97 43.45
N TYR A 170 -5.19 2.10 42.62
CA TYR A 170 -5.09 3.20 41.68
C TYR A 170 -5.56 2.77 40.30
N THR A 171 -5.91 3.73 39.47
CA THR A 171 -6.33 3.45 38.13
C THR A 171 -5.30 4.00 37.17
N ALA A 172 -4.76 3.13 36.33
CA ALA A 172 -3.78 3.51 35.32
C ALA A 172 -4.37 3.35 33.92
N ASN A 173 -4.24 4.40 33.11
CA ASN A 173 -4.67 4.40 31.73
C ASN A 173 -3.47 4.29 30.82
N THR A 174 -3.53 3.35 29.87
CA THR A 174 -2.41 3.12 28.95
C THR A 174 -2.81 3.30 27.47
N THR A 175 -1.90 3.88 26.70
CA THR A 175 -2.08 4.03 25.27
C THR A 175 -0.77 3.66 24.58
N CYS A 176 -0.84 2.63 23.75
CA CYS A 176 0.31 2.14 23.01
C CYS A 176 0.16 2.38 21.52
N THR A 177 1.12 3.10 20.96
CA THR A 177 1.17 3.38 19.53
C THR A 177 2.30 2.59 18.87
N THR A 178 2.12 2.31 17.58
CA THR A 178 3.11 1.57 16.82
C THR A 178 3.40 2.28 15.50
N ASN A 179 4.41 1.81 14.78
CA ASN A 179 4.69 2.34 13.45
C ASN A 179 4.68 1.28 12.38
N ALA A 180 4.20 0.09 12.72
CA ALA A 180 4.19 -1.03 11.79
C ALA A 180 3.27 -0.78 10.59
N ASP A 181 3.87 -0.78 9.40
CA ASP A 181 3.18 -0.68 8.11
C ASP A 181 2.76 -2.05 7.63
N LYS A 182 3.27 -3.08 8.31
CA LYS A 182 3.26 -4.46 7.81
C LYS A 182 1.95 -5.22 8.12
N PRO A 183 1.17 -5.54 7.07
CA PRO A 183 -0.09 -6.27 7.23
C PRO A 183 0.10 -7.63 7.88
N PHE A 184 -0.77 -7.97 8.83
CA PHE A 184 -0.80 -9.32 9.41
C PHE A 184 -1.03 -10.38 8.32
N ALA A 185 -2.22 -10.35 7.72
CA ALA A 185 -2.56 -11.22 6.62
C ALA A 185 -3.19 -10.41 5.48
N THR A 186 -3.10 -10.96 4.27
CA THR A 186 -3.82 -10.47 3.10
C THR A 186 -4.83 -11.56 2.74
N VAL A 187 -6.02 -11.17 2.27
CA VAL A 187 -6.99 -12.15 1.78
C VAL A 187 -7.51 -11.74 0.41
N LYS A 188 -7.39 -12.61 -0.59
CA LYS A 188 -7.97 -12.32 -1.90
C LYS A 188 -9.46 -12.60 -1.85
N VAL A 189 -10.25 -11.61 -2.26
CA VAL A 189 -11.68 -11.76 -2.41
C VAL A 189 -12.00 -11.97 -3.90
N ASP A 190 -12.23 -13.24 -4.26
CA ASP A 190 -12.77 -13.57 -5.58
C ASP A 190 -14.24 -13.18 -5.61
N PRO A 191 -14.77 -12.88 -6.80
CA PRO A 191 -16.18 -12.47 -6.84
C PRO A 191 -17.13 -13.61 -6.44
N ALA A 192 -18.35 -13.25 -6.06
CA ALA A 192 -19.40 -14.25 -5.84
C ALA A 192 -19.80 -14.90 -7.16
N ASP A 193 -20.42 -16.07 -7.08
CA ASP A 193 -21.05 -16.67 -8.25
C ASP A 193 -21.90 -15.60 -9.01
N GLY A 194 -21.91 -15.69 -10.35
CA GLY A 194 -22.67 -14.78 -11.23
C GLY A 194 -23.57 -15.54 -12.21
N LEU A 195 -24.36 -14.83 -13.01
CA LEU A 195 -25.17 -15.48 -14.03
C LEU A 195 -24.31 -16.26 -15.00
N THR A 196 -24.88 -17.34 -15.53
CA THR A 196 -24.24 -18.07 -16.62
C THR A 196 -25.26 -18.10 -17.72
N ILE A 197 -24.76 -18.26 -18.96
CA ILE A 197 -25.63 -18.56 -20.10
C ILE A 197 -25.09 -19.73 -20.91
N THR A 198 -25.98 -20.62 -21.32
CA THR A 198 -25.60 -21.79 -22.10
C THR A 198 -26.21 -21.61 -23.48
N ALA A 199 -25.37 -21.56 -24.51
CA ALA A 199 -25.90 -21.62 -25.88
C ALA A 199 -25.06 -22.62 -26.62
N PRO A 200 -25.54 -23.17 -27.77
CA PRO A 200 -24.58 -23.88 -28.67
C PRO A 200 -23.46 -22.84 -28.80
N GLU A 201 -22.16 -23.13 -28.82
CA GLU A 201 -21.30 -23.71 -29.84
C GLU A 201 -21.36 -22.99 -31.18
N SER A 202 -22.39 -23.23 -31.98
CA SER A 202 -22.57 -22.48 -33.18
C SER A 202 -23.97 -22.77 -33.67
N ALA A 203 -24.44 -21.98 -34.61
CA ALA A 203 -25.82 -22.11 -35.08
C ALA A 203 -25.92 -21.66 -36.53
N SER A 204 -27.01 -22.02 -37.19
CA SER A 204 -27.26 -21.54 -38.54
C SER A 204 -28.46 -20.61 -38.48
N ILE A 205 -28.62 -19.77 -39.49
CA ILE A 205 -29.81 -18.94 -39.60
C ILE A 205 -31.03 -19.84 -39.76
N LYS A 206 -32.22 -19.29 -39.54
CA LYS A 206 -33.50 -19.98 -39.73
C LYS A 206 -33.64 -21.30 -38.92
N GLN A 207 -33.05 -21.38 -37.74
CA GLN A 207 -33.20 -22.57 -36.88
C GLN A 207 -33.30 -22.19 -35.38
N ASP A 208 -34.05 -22.98 -34.63
CA ASP A 208 -34.25 -22.70 -33.21
C ASP A 208 -32.96 -22.82 -32.42
N VAL A 209 -32.66 -21.79 -31.64
CA VAL A 209 -31.50 -21.83 -30.79
C VAL A 209 -31.97 -21.64 -29.36
N GLN A 210 -31.74 -22.66 -28.54
CA GLN A 210 -32.15 -22.60 -27.14
C GLN A 210 -31.07 -21.89 -26.33
N ILE A 211 -31.49 -21.06 -25.40
CA ILE A 211 -30.60 -20.30 -24.60
C ILE A 211 -31.11 -20.41 -23.20
N THR A 212 -30.19 -20.70 -22.28
CA THR A 212 -30.55 -20.89 -20.88
C THR A 212 -29.67 -20.03 -19.99
N ALA A 213 -30.32 -19.21 -19.18
CA ALA A 213 -29.61 -18.46 -18.15
C ALA A 213 -29.77 -19.14 -16.78
N THR A 214 -28.77 -19.02 -15.92
CA THR A 214 -28.94 -19.51 -14.57
C THR A 214 -28.61 -18.39 -13.62
N VAL A 215 -29.35 -18.34 -12.53
CA VAL A 215 -29.19 -17.29 -11.54
C VAL A 215 -28.77 -17.93 -10.24
N PRO A 216 -27.73 -17.39 -9.60
CA PRO A 216 -27.33 -17.90 -8.29
C PRO A 216 -28.48 -17.98 -7.28
N GLU A 217 -28.50 -19.08 -6.52
CA GLU A 217 -29.44 -19.25 -5.43
C GLU A 217 -29.59 -17.98 -4.65
N LYS A 218 -28.49 -17.25 -4.56
CA LYS A 218 -28.35 -16.23 -3.55
C LYS A 218 -28.97 -14.89 -4.01
N LEU A 219 -28.94 -14.63 -5.31
CA LEU A 219 -29.59 -13.45 -5.84
C LEU A 219 -31.10 -13.65 -5.84
N ASN A 220 -31.52 -14.89 -6.06
CA ASN A 220 -32.93 -15.20 -6.22
C ASN A 220 -33.55 -15.84 -4.98
N GLU A 221 -33.05 -15.45 -3.80
CA GLU A 221 -33.52 -15.98 -2.51
C GLU A 221 -35.06 -15.95 -2.38
N LYS A 222 -35.66 -14.84 -2.76
CA LYS A 222 -37.10 -14.66 -2.65
C LYS A 222 -37.86 -15.43 -3.73
N MSE A 223 -37.12 -16.06 -4.65
CA MSE A 223 -37.67 -16.93 -5.73
C MSE A 223 -38.78 -16.29 -6.62
O MSE A 223 -39.72 -16.97 -7.03
CB MSE A 223 -38.16 -18.31 -5.17
CG MSE A 223 -37.10 -19.28 -4.58
SE MSE A 223 -35.59 -19.86 -5.76
CE MSE A 223 -36.61 -20.70 -7.21
N ASP A 224 -38.66 -14.99 -6.90
CA ASP A 224 -39.67 -14.32 -7.72
C ASP A 224 -39.11 -13.37 -8.81
N GLY A 225 -37.93 -13.70 -9.31
CA GLY A 225 -37.25 -12.91 -10.33
C GLY A 225 -37.39 -13.36 -11.78
N LYS A 226 -36.85 -12.55 -12.67
CA LYS A 226 -37.06 -12.70 -14.09
C LYS A 226 -35.72 -12.44 -14.78
N VAL A 227 -35.59 -12.91 -16.02
CA VAL A 227 -34.39 -12.67 -16.81
C VAL A 227 -34.81 -12.13 -18.15
N GLN A 228 -34.27 -10.97 -18.49
CA GLN A 228 -34.53 -10.28 -19.73
C GLN A 228 -33.35 -10.55 -20.66
N PHE A 229 -33.58 -11.30 -21.73
CA PHE A 229 -32.53 -11.56 -22.69
C PHE A 229 -32.40 -10.40 -23.69
N PHE A 230 -31.23 -10.28 -24.30
CA PHE A 230 -30.95 -9.30 -25.33
C PHE A 230 -30.13 -10.02 -26.38
N VAL A 231 -30.29 -9.59 -27.63
CA VAL A 231 -29.50 -10.14 -28.74
C VAL A 231 -28.85 -8.91 -29.37
N ASN A 232 -27.52 -8.94 -29.48
CA ASN A 232 -26.80 -7.74 -29.89
C ASN A 232 -27.33 -6.47 -29.23
N HIS A 233 -27.69 -6.59 -27.96
CA HIS A 233 -28.07 -5.46 -27.11
C HIS A 233 -29.45 -4.88 -27.37
N ILE A 234 -30.28 -5.63 -28.08
CA ILE A 234 -31.69 -5.28 -28.19
C ILE A 234 -32.48 -6.29 -27.37
N ALA A 235 -33.49 -5.79 -26.66
CA ALA A 235 -34.37 -6.62 -25.85
C ALA A 235 -35.00 -7.68 -26.74
N ALA A 236 -34.90 -8.93 -26.33
CA ALA A 236 -35.51 -9.99 -27.10
C ALA A 236 -36.66 -10.56 -26.29
N GLY A 237 -37.87 -10.12 -26.60
CA GLY A 237 -39.04 -10.60 -25.89
C GLY A 237 -39.20 -10.09 -24.47
N ASP A 238 -40.32 -10.45 -23.88
CA ASP A 238 -40.58 -10.17 -22.49
C ASP A 238 -39.56 -10.86 -21.61
N PRO A 239 -39.34 -10.28 -20.41
CA PRO A 239 -38.52 -10.89 -19.39
C PRO A 239 -39.05 -12.28 -19.12
N VAL A 240 -38.16 -13.26 -19.03
CA VAL A 240 -38.56 -14.64 -18.75
C VAL A 240 -38.54 -14.91 -17.25
N PRO A 241 -39.66 -15.41 -16.70
CA PRO A 241 -39.62 -15.67 -15.27
C PRO A 241 -38.73 -16.87 -14.95
N VAL A 242 -37.89 -16.67 -13.92
CA VAL A 242 -36.97 -17.70 -13.44
C VAL A 242 -37.76 -18.84 -12.81
N THR A 243 -37.32 -20.06 -13.09
CA THR A 243 -37.92 -21.30 -12.57
C THR A 243 -37.55 -21.57 -11.14
N GLU A 244 -38.10 -22.65 -10.62
CA GLU A 244 -37.82 -23.18 -9.29
C GLU A 244 -36.35 -23.66 -9.14
N ASP A 245 -35.67 -23.89 -10.25
CA ASP A 245 -34.30 -24.39 -10.24
C ASP A 245 -33.32 -23.30 -10.67
N ASN A 246 -33.70 -22.04 -10.41
CA ASN A 246 -32.90 -20.88 -10.74
C ASN A 246 -32.44 -20.81 -12.22
N MLZ A 247 -33.29 -21.25 -13.13
CA MLZ A 247 -32.94 -21.17 -14.56
CB MLZ A 247 -32.78 -22.56 -15.18
CG MLZ A 247 -31.58 -23.34 -14.63
CD MLZ A 247 -31.26 -24.57 -15.47
CE MLZ A 247 -29.79 -24.91 -15.27
NZ MLZ A 247 -29.35 -26.13 -15.88
CM MLZ A 247 -28.72 -27.01 -14.92
C MLZ A 247 -33.93 -20.33 -15.32
O MLZ A 247 -35.04 -20.10 -14.85
N ALA A 248 -33.54 -19.86 -16.51
CA ALA A 248 -34.46 -19.15 -17.41
C ALA A 248 -34.09 -19.42 -18.87
N SER A 249 -35.09 -19.70 -19.70
CA SER A 249 -34.84 -20.10 -21.09
C SER A 249 -35.68 -19.38 -22.10
N THR A 250 -35.11 -19.18 -23.27
CA THR A 250 -35.82 -18.60 -24.38
C THR A 250 -35.36 -19.37 -25.61
N SER A 251 -35.87 -19.00 -26.77
CA SER A 251 -35.52 -19.66 -28.02
C SER A 251 -35.54 -18.61 -29.11
N ILE A 252 -34.43 -18.50 -29.80
CA ILE A 252 -34.08 -17.38 -30.66
C ILE A 252 -33.87 -17.97 -32.03
N ILE A 253 -34.44 -17.34 -33.06
CA ILE A 253 -34.22 -17.76 -34.46
C ILE A 253 -33.46 -16.66 -35.18
N PHE A 254 -32.25 -16.93 -35.65
CA PHE A 254 -31.40 -15.86 -36.15
C PHE A 254 -31.67 -15.57 -37.60
N ASP A 255 -31.59 -14.30 -37.99
CA ASP A 255 -31.86 -13.89 -39.38
C ASP A 255 -30.64 -13.88 -40.29
N THR A 256 -29.51 -13.46 -39.72
CA THR A 256 -28.28 -13.29 -40.48
C THR A 256 -27.09 -13.86 -39.73
N SER A 257 -25.99 -14.05 -40.45
CA SER A 257 -24.79 -14.61 -39.86
C SER A 257 -24.07 -13.53 -39.05
N GLY A 258 -23.11 -13.93 -38.21
CA GLY A 258 -22.38 -13.01 -37.36
C GLY A 258 -22.04 -13.61 -35.99
N SER A 259 -21.06 -13.02 -35.31
CA SER A 259 -20.87 -13.29 -33.91
C SER A 259 -21.96 -12.55 -33.14
N LYS A 260 -22.97 -13.28 -32.68
CA LYS A 260 -24.11 -12.70 -31.94
C LYS A 260 -23.84 -12.60 -30.43
N THR A 261 -24.01 -11.42 -29.84
CA THR A 261 -23.89 -11.24 -28.39
C THR A 261 -25.25 -11.49 -27.73
N ILE A 262 -25.30 -12.52 -26.89
CA ILE A 262 -26.47 -12.80 -26.06
C ILE A 262 -26.22 -12.30 -24.64
N THR A 263 -27.19 -11.59 -24.10
CA THR A 263 -27.05 -10.99 -22.78
C THR A 263 -28.22 -11.41 -21.90
N ALA A 264 -27.94 -11.97 -20.72
CA ALA A 264 -28.99 -12.19 -19.72
C ALA A 264 -28.91 -11.15 -18.61
N ARG A 265 -30.03 -10.46 -18.35
CA ARG A 265 -30.08 -9.47 -17.26
C ARG A 265 -31.07 -9.96 -16.23
N PHE A 266 -30.64 -10.02 -14.98
CA PHE A 266 -31.50 -10.50 -13.92
C PHE A 266 -32.30 -9.35 -13.33
N ILE A 267 -33.57 -9.61 -13.04
CA ILE A 267 -34.48 -8.64 -12.44
C ILE A 267 -35.11 -9.25 -11.20
N ASP A 268 -35.11 -8.51 -10.09
CA ASP A 268 -35.76 -8.99 -8.84
C ASP A 268 -37.23 -8.57 -8.73
N ALA A 269 -37.87 -8.98 -7.62
CA ALA A 269 -39.29 -8.75 -7.37
C ALA A 269 -39.78 -7.33 -7.69
N GLU A 270 -39.00 -6.35 -7.29
CA GLU A 270 -39.25 -4.94 -7.63
C GLU A 270 -38.13 -4.48 -8.57
N GLY A 271 -38.30 -4.78 -9.86
CA GLY A 271 -37.26 -4.68 -10.89
C GLY A 271 -35.95 -3.94 -10.75
N TYR A 272 -35.15 -4.29 -9.74
CA TYR A 272 -33.74 -3.88 -9.70
C TYR A 272 -32.83 -4.94 -10.35
N ASN A 273 -31.69 -4.48 -10.87
CA ASN A 273 -30.71 -5.39 -11.44
C ASN A 273 -29.52 -5.45 -10.50
N PRO A 274 -29.61 -6.29 -9.44
CA PRO A 274 -28.58 -6.26 -8.39
C PRO A 274 -27.26 -6.94 -8.79
N ALA A 275 -27.29 -7.83 -9.78
CA ALA A 275 -26.12 -8.58 -10.24
C ALA A 275 -25.64 -8.09 -11.59
N PRO A 276 -24.35 -8.33 -11.94
CA PRO A 276 -23.93 -8.05 -13.33
C PRO A 276 -24.73 -8.86 -14.33
N ASP A 277 -24.71 -8.46 -15.60
CA ASP A 277 -25.33 -9.26 -16.65
C ASP A 277 -24.39 -10.40 -17.05
N GLY A 278 -24.96 -11.57 -17.38
CA GLY A 278 -24.20 -12.56 -18.12
C GLY A 278 -24.24 -12.26 -19.60
N GLU A 279 -23.10 -12.43 -20.26
CA GLU A 279 -22.97 -12.34 -21.73
C GLU A 279 -22.34 -13.59 -22.32
N THR A 280 -22.77 -13.96 -23.51
CA THR A 280 -22.05 -14.96 -24.30
C THR A 280 -22.19 -14.62 -25.77
N ILE A 281 -21.36 -15.25 -26.59
CA ILE A 281 -21.36 -15.01 -28.01
C ILE A 281 -21.65 -16.33 -28.73
N ILE A 282 -22.56 -16.33 -29.71
CA ILE A 282 -22.80 -17.54 -30.53
C ILE A 282 -22.39 -17.20 -31.95
N PRO A 283 -21.43 -17.94 -32.52
CA PRO A 283 -21.13 -17.73 -33.93
C PRO A 283 -22.34 -18.24 -34.70
N VAL A 284 -22.81 -17.48 -35.70
CA VAL A 284 -23.93 -17.93 -36.52
C VAL A 284 -23.53 -17.94 -37.97
N VAL A 285 -23.79 -19.05 -38.64
CA VAL A 285 -23.43 -19.15 -40.04
C VAL A 285 -24.66 -19.15 -40.96
N THR A 286 -24.45 -18.88 -42.25
CA THR A 286 -25.54 -18.98 -43.22
C THR A 286 -25.97 -20.42 -43.38
N GLU A 287 -24.99 -21.31 -43.46
CA GLU A 287 -25.20 -22.74 -43.32
C GLU A 287 -23.89 -23.45 -43.02
N LEU A 288 -24.00 -24.57 -42.32
CA LEU A 288 -22.85 -25.39 -42.05
C LEU A 288 -23.04 -26.69 -42.83
N ASP A 289 -22.24 -26.89 -43.85
CA ASP A 289 -22.38 -28.07 -44.70
C ASP A 289 -21.36 -29.13 -44.29
N THR A 290 -21.75 -29.93 -43.31
CA THR A 290 -20.85 -30.95 -42.81
C THR A 290 -20.72 -32.05 -43.85
N LYS A 291 -19.58 -32.74 -43.81
CA LYS A 291 -19.35 -33.91 -44.64
C LYS A 291 -20.51 -34.91 -44.51
N LYS A 292 -20.94 -35.46 -45.64
CA LYS A 292 -21.99 -36.47 -45.65
C LYS A 292 -21.62 -37.65 -44.74
N PRO A 293 -22.61 -38.40 -44.23
CA PRO A 293 -22.30 -39.51 -43.30
C PRO A 293 -21.40 -40.60 -43.90
N GLU A 294 -21.52 -40.78 -45.21
CA GLU A 294 -20.78 -41.81 -45.93
C GLU A 294 -19.40 -41.30 -46.30
N ASP A 295 -19.18 -39.99 -46.20
CA ASP A 295 -17.85 -39.43 -46.32
C ASP A 295 -17.12 -39.82 -45.06
N THR A 296 -16.12 -40.67 -45.24
CA THR A 296 -15.54 -41.37 -44.13
C THR A 296 -14.18 -40.76 -43.80
N ASP A 297 -13.79 -39.75 -44.59
CA ASP A 297 -12.60 -38.95 -44.32
C ASP A 297 -12.90 -37.75 -43.44
N SER A 298 -11.91 -36.87 -43.32
CA SER A 298 -12.08 -35.63 -42.59
C SER A 298 -11.23 -34.52 -43.21
N TYR A 299 -11.51 -33.27 -42.84
CA TYR A 299 -10.98 -32.11 -43.56
C TYR A 299 -10.40 -31.02 -42.65
N THR A 300 -9.52 -30.20 -43.19
CA THR A 300 -9.00 -29.08 -42.44
C THR A 300 -8.70 -27.94 -43.39
N GLY A 301 -8.26 -26.82 -42.86
CA GLY A 301 -7.84 -25.74 -43.71
C GLY A 301 -7.07 -24.65 -43.01
N LEU A 302 -6.74 -23.63 -43.81
CA LEU A 302 -6.02 -22.44 -43.35
C LEU A 302 -6.58 -21.23 -44.08
N ILE A 303 -6.49 -20.06 -43.43
CA ILE A 303 -6.77 -18.80 -44.07
C ILE A 303 -5.76 -17.76 -43.58
N ASN A 304 -5.01 -17.19 -44.54
CA ASN A 304 -3.82 -16.36 -44.26
C ASN A 304 -2.81 -17.11 -43.40
N GLY A 305 -2.57 -18.36 -43.79
CA GLY A 305 -1.61 -19.25 -43.12
C GLY A 305 -2.02 -19.76 -41.76
N SER A 306 -3.30 -19.60 -41.39
CA SER A 306 -3.77 -20.01 -40.07
C SER A 306 -5.08 -20.79 -40.09
N ALA A 307 -5.17 -21.83 -39.26
CA ALA A 307 -6.45 -22.48 -39.00
C ALA A 307 -7.22 -21.61 -38.01
N THR A 308 -8.30 -21.02 -38.49
CA THR A 308 -9.17 -20.24 -37.64
C THR A 308 -10.25 -21.16 -37.10
N SER A 309 -11.29 -20.58 -36.51
CA SER A 309 -12.41 -21.32 -35.99
C SER A 309 -13.57 -20.35 -36.11
N LEU A 310 -14.82 -20.83 -36.06
CA LEU A 310 -15.90 -19.88 -36.23
C LEU A 310 -16.14 -19.15 -34.94
N LEU A 311 -15.27 -19.43 -33.97
CA LEU A 311 -15.33 -18.78 -32.69
C LEU A 311 -14.18 -17.79 -32.59
N LYS A 312 -13.16 -17.97 -33.42
CA LYS A 312 -12.08 -17.01 -33.59
C LYS A 312 -11.91 -16.83 -35.09
N PRO A 313 -12.88 -16.17 -35.74
CA PRO A 313 -12.76 -16.00 -37.19
C PRO A 313 -11.68 -14.98 -37.50
N ALA A 314 -11.07 -15.11 -38.66
CA ALA A 314 -10.10 -14.11 -39.12
C ALA A 314 -10.82 -12.78 -39.26
N LYS A 315 -10.20 -11.71 -38.77
CA LYS A 315 -10.75 -10.36 -38.96
C LYS A 315 -10.35 -9.91 -40.35
N VAL A 316 -11.32 -9.78 -41.26
CA VAL A 316 -10.96 -9.28 -42.59
C VAL A 316 -11.89 -8.17 -43.04
N MSE A 317 -11.32 -7.17 -43.71
CA MSE A 317 -12.10 -6.04 -44.21
C MSE A 317 -12.51 -6.28 -45.67
O MSE A 317 -11.82 -6.99 -46.40
CB MSE A 317 -11.29 -4.76 -44.06
CG MSE A 317 -11.13 -4.34 -42.61
SE MSE A 317 -9.69 -3.05 -42.38
CE MSE A 317 -10.64 -1.38 -42.83
N PRO A 318 -13.65 -5.72 -46.10
CA PRO A 318 -13.98 -5.88 -47.51
C PRO A 318 -12.98 -5.11 -48.36
N GLY A 319 -12.69 -5.63 -49.55
CA GLY A 319 -11.67 -5.05 -50.43
C GLY A 319 -10.32 -5.77 -50.35
N GLU A 320 -10.27 -6.80 -49.53
CA GLU A 320 -9.02 -7.44 -49.14
C GLU A 320 -8.81 -8.75 -49.89
N LYS A 321 -7.55 -9.07 -50.18
CA LYS A 321 -7.18 -10.36 -50.77
C LYS A 321 -6.74 -11.34 -49.69
N VAL A 322 -7.37 -12.51 -49.65
CA VAL A 322 -6.95 -13.53 -48.69
C VAL A 322 -6.43 -14.80 -49.37
N SER A 323 -5.65 -15.56 -48.61
CA SER A 323 -5.18 -16.86 -49.06
C SER A 323 -5.78 -17.98 -48.22
N VAL A 324 -6.33 -18.97 -48.92
CA VAL A 324 -7.00 -20.08 -48.30
C VAL A 324 -6.29 -21.36 -48.66
N SER A 325 -6.17 -22.27 -47.70
CA SER A 325 -5.79 -23.64 -48.00
C SER A 325 -6.89 -24.60 -47.53
N ALA A 326 -7.17 -25.64 -48.33
CA ALA A 326 -8.07 -26.72 -47.93
C ALA A 326 -7.48 -28.13 -48.14
N SER A 327 -7.42 -28.94 -47.09
CA SER A 327 -6.80 -30.27 -47.14
C SER A 327 -7.80 -31.38 -46.88
N LEU A 328 -7.64 -32.48 -47.62
CA LEU A 328 -8.42 -33.69 -47.40
C LEU A 328 -7.51 -34.71 -46.74
N LEU A 329 -7.88 -35.08 -45.51
CA LEU A 329 -7.11 -35.99 -44.69
C LEU A 329 -7.74 -37.37 -44.80
N PRO A 330 -7.13 -38.25 -45.61
CA PRO A 330 -7.68 -39.59 -45.78
C PRO A 330 -7.64 -40.40 -44.49
N ASN A 331 -8.74 -41.08 -44.24
CA ASN A 331 -8.87 -41.99 -43.12
C ASN A 331 -8.17 -43.32 -43.40
N LYS A 332 -7.93 -43.58 -44.68
CA LYS A 332 -7.65 -44.91 -45.17
C LYS A 332 -6.98 -44.72 -46.52
N ALA A 333 -6.06 -45.62 -46.85
CA ALA A 333 -5.43 -45.66 -48.16
C ALA A 333 -5.31 -47.09 -48.67
N PRO A 334 -5.36 -47.27 -50.01
CA PRO A 334 -5.61 -46.18 -50.95
C PRO A 334 -7.09 -45.85 -51.04
N ILE A 335 -7.41 -44.59 -51.27
CA ILE A 335 -8.78 -44.24 -51.65
C ILE A 335 -8.78 -43.67 -53.06
N ARG A 336 -9.92 -43.73 -53.72
CA ARG A 336 -10.04 -43.09 -55.03
C ARG A 336 -10.52 -41.65 -54.84
N VAL A 337 -9.72 -40.70 -55.30
CA VAL A 337 -10.03 -39.28 -55.16
C VAL A 337 -9.80 -38.55 -56.47
N TYR A 338 -10.92 -38.10 -57.06
CA TYR A 338 -10.97 -37.57 -58.42
C TYR A 338 -10.73 -36.07 -58.49
N GLU A 339 -11.62 -35.31 -57.86
CA GLU A 339 -11.56 -33.84 -57.95
C GLU A 339 -11.62 -33.16 -56.59
N ILE A 340 -10.69 -32.23 -56.38
CA ILE A 340 -10.78 -31.35 -55.22
C ILE A 340 -10.66 -29.90 -55.70
N GLY A 341 -11.24 -28.97 -54.92
CA GLY A 341 -11.11 -27.56 -55.20
C GLY A 341 -11.68 -26.73 -54.08
N ILE A 342 -11.52 -25.41 -54.18
CA ILE A 342 -12.02 -24.47 -53.16
C ILE A 342 -13.19 -23.66 -53.66
N ASN A 343 -14.34 -23.85 -53.03
CA ASN A 343 -15.52 -23.11 -53.37
C ASN A 343 -15.74 -21.97 -52.38
N ALA A 344 -15.37 -20.75 -52.81
CA ALA A 344 -15.49 -19.54 -52.00
C ALA A 344 -16.98 -19.18 -51.80
N PRO A 345 -17.27 -18.26 -50.88
CA PRO A 345 -18.67 -17.83 -50.78
C PRO A 345 -19.12 -16.99 -51.99
N GLU A 346 -20.43 -16.86 -52.14
CA GLU A 346 -21.05 -15.98 -53.16
C GLU A 346 -20.40 -14.60 -53.20
N ASP A 347 -20.06 -14.16 -54.41
CA ASP A 347 -19.46 -12.84 -54.69
C ASP A 347 -17.93 -12.78 -54.49
N VAL A 348 -17.40 -13.67 -53.67
CA VAL A 348 -15.95 -13.76 -53.51
C VAL A 348 -15.29 -14.37 -54.75
N LYS A 349 -14.40 -13.60 -55.38
CA LYS A 349 -13.89 -13.96 -56.71
C LYS A 349 -12.55 -14.68 -56.67
N TYR A 350 -12.40 -15.67 -57.52
CA TYR A 350 -11.16 -16.43 -57.62
C TYR A 350 -10.06 -15.62 -58.33
N ILE A 351 -8.85 -15.63 -57.77
CA ILE A 351 -7.71 -14.98 -58.44
C ILE A 351 -6.99 -15.95 -59.40
N ASP A 352 -6.95 -15.60 -60.68
CA ASP A 352 -6.45 -16.49 -61.78
C ASP A 352 -5.02 -17.00 -61.58
N GLY A 353 -4.82 -18.29 -61.90
CA GLY A 353 -3.52 -18.93 -61.82
C GLY A 353 -2.86 -18.96 -60.43
N THR A 354 -3.68 -18.97 -59.38
CA THR A 354 -3.17 -19.07 -58.01
C THR A 354 -3.44 -20.44 -57.41
N GLY A 355 -4.42 -21.15 -57.97
CA GLY A 355 -4.79 -22.49 -57.52
C GLY A 355 -3.75 -23.57 -57.77
N LYS A 356 -3.03 -23.94 -56.70
CA LYS A 356 -2.08 -25.05 -56.71
C LYS A 356 -2.68 -26.26 -56.01
N THR A 357 -2.19 -27.44 -56.37
CA THR A 357 -2.38 -28.60 -55.53
C THR A 357 -1.09 -29.00 -54.84
N ASN A 358 -1.27 -29.84 -53.83
CA ASN A 358 -0.24 -30.54 -53.09
C ASN A 358 0.67 -31.30 -54.02
N TYR A 359 0.12 -31.64 -55.16
CA TYR A 359 0.69 -32.59 -56.09
C TYR A 359 0.53 -32.11 -57.54
N SER A 360 0.75 -33.02 -58.49
CA SER A 360 0.76 -32.72 -59.93
C SER A 360 -0.65 -32.79 -60.54
N SER A 361 -1.15 -31.68 -61.09
CA SER A 361 -2.55 -31.63 -61.46
C SER A 361 -2.90 -30.68 -62.60
N LYS A 362 -4.02 -30.97 -63.27
CA LYS A 362 -4.62 -30.08 -64.28
C LYS A 362 -6.03 -29.65 -63.86
N LEU A 363 -6.41 -28.44 -64.27
CA LEU A 363 -7.69 -27.81 -63.91
C LEU A 363 -8.86 -28.21 -64.84
N ALA A 364 -9.68 -29.14 -64.37
CA ALA A 364 -10.80 -29.66 -65.19
C ALA A 364 -12.07 -28.83 -65.10
N THR A 365 -12.29 -28.19 -63.95
CA THR A 365 -13.56 -27.56 -63.64
C THR A 365 -13.45 -26.08 -63.23
N THR A 366 -14.09 -25.23 -64.02
CA THR A 366 -14.34 -23.83 -63.69
C THR A 366 -15.84 -23.67 -63.46
N GLY A 367 -16.22 -23.11 -62.31
CA GLY A 367 -17.63 -22.99 -61.96
C GLY A 367 -18.17 -24.38 -61.66
N SER A 368 -19.27 -24.72 -62.30
CA SER A 368 -19.88 -26.05 -62.14
C SER A 368 -19.82 -26.78 -63.48
N VAL A 369 -19.15 -26.15 -64.42
CA VAL A 369 -18.96 -26.69 -65.76
C VAL A 369 -17.67 -27.50 -65.77
N PHE A 370 -17.80 -28.75 -66.17
CA PHE A 370 -16.68 -29.63 -66.42
C PHE A 370 -16.41 -29.67 -67.92
N SER A 371 -15.12 -29.69 -68.26
CA SER A 371 -14.67 -29.99 -69.61
C SER A 371 -13.40 -30.85 -69.53
N SER A 372 -13.32 -31.86 -70.41
CA SER A 372 -12.25 -32.85 -70.38
C SER A 372 -10.90 -32.22 -70.71
N PRO A 373 -9.91 -32.41 -69.84
CA PRO A 373 -8.57 -31.92 -70.08
C PRO A 373 -7.68 -33.07 -70.54
N GLY A 374 -8.26 -33.99 -71.31
CA GLY A 374 -7.61 -35.24 -71.68
C GLY A 374 -8.52 -36.43 -71.44
N SER A 375 -8.24 -37.50 -72.16
CA SER A 375 -9.01 -38.73 -72.07
C SER A 375 -8.65 -39.44 -70.77
N GLY A 376 -9.67 -39.97 -70.09
CA GLY A 376 -9.45 -40.62 -68.78
C GLY A 376 -9.76 -39.77 -67.56
N TYR A 377 -10.41 -38.62 -67.76
CA TYR A 377 -10.84 -37.72 -66.69
C TYR A 377 -12.36 -37.78 -66.47
N TYR A 378 -12.75 -38.15 -65.25
CA TYR A 378 -14.17 -38.32 -64.90
C TYR A 378 -14.93 -37.02 -64.60
N ASP A 379 -16.14 -36.91 -65.16
CA ASP A 379 -17.01 -35.76 -64.99
C ASP A 379 -17.84 -35.85 -63.70
N PRO A 380 -17.62 -34.89 -62.79
CA PRO A 380 -18.40 -34.78 -61.57
C PRO A 380 -19.89 -34.59 -61.82
N GLU A 381 -20.25 -33.95 -62.92
CA GLU A 381 -21.65 -33.68 -63.24
C GLU A 381 -22.28 -32.91 -62.08
N TRP A 382 -21.56 -31.85 -61.69
CA TRP A 382 -22.06 -30.86 -60.74
C TRP A 382 -23.36 -30.26 -61.27
N LYS A 383 -23.58 -30.38 -62.58
CA LYS A 383 -24.81 -29.96 -63.21
C LYS A 383 -26.02 -30.67 -62.59
N ASN A 384 -25.91 -31.97 -62.40
CA ASN A 384 -26.98 -32.79 -61.80
C ASN A 384 -27.23 -32.56 -60.30
N GLU A 385 -26.18 -32.19 -59.57
CA GLU A 385 -26.27 -32.05 -58.12
C GLU A 385 -27.13 -30.87 -57.66
N SER A 386 -27.90 -31.10 -56.60
CA SER A 386 -28.78 -30.08 -56.02
C SER A 386 -28.00 -28.83 -55.57
N LYS A 387 -26.83 -29.04 -54.95
CA LYS A 387 -25.89 -27.94 -54.64
C LYS A 387 -24.67 -27.99 -55.55
N LYS A 388 -24.54 -26.96 -56.37
CA LYS A 388 -23.45 -26.83 -57.33
C LYS A 388 -22.42 -25.82 -56.81
N PRO A 389 -21.16 -25.92 -57.27
CA PRO A 389 -20.15 -24.90 -57.02
C PRO A 389 -20.53 -23.61 -57.70
N ASN A 390 -20.05 -22.48 -57.19
CA ASN A 390 -20.26 -21.20 -57.85
C ASN A 390 -19.05 -20.73 -58.63
N GLU A 391 -19.17 -19.56 -59.24
CA GLU A 391 -18.19 -19.02 -60.18
C GLU A 391 -16.73 -19.04 -59.70
N SER A 392 -16.52 -19.07 -58.38
CA SER A 392 -15.17 -19.00 -57.80
C SER A 392 -14.47 -20.36 -57.75
N TYR A 393 -15.25 -21.41 -57.92
CA TYR A 393 -14.76 -22.75 -57.70
C TYR A 393 -13.87 -23.20 -58.83
N ARG A 394 -12.74 -23.79 -58.44
CA ARG A 394 -11.78 -24.34 -59.38
C ARG A 394 -11.51 -25.77 -58.97
N GLY A 395 -11.73 -26.72 -59.88
CA GLY A 395 -11.58 -28.14 -59.58
C GLY A 395 -10.46 -28.82 -60.34
N PHE A 396 -9.64 -29.57 -59.61
CA PHE A 396 -8.38 -30.11 -60.12
C PHE A 396 -8.34 -31.62 -60.05
N HIS A 397 -7.80 -32.23 -61.10
CA HIS A 397 -7.57 -33.67 -61.15
C HIS A 397 -6.07 -33.93 -61.21
N SER A 398 -5.65 -35.02 -60.58
CA SER A 398 -4.27 -35.48 -60.73
C SER A 398 -4.05 -35.95 -62.16
N ASP A 399 -2.91 -35.60 -62.75
CA ASP A 399 -2.54 -36.14 -64.07
C ASP A 399 -2.02 -37.58 -64.00
N THR A 400 -1.28 -37.88 -62.93
CA THR A 400 -0.74 -39.23 -62.71
C THR A 400 -1.83 -40.31 -62.49
N SER A 401 -2.43 -40.31 -61.31
CA SER A 401 -3.45 -41.30 -60.94
C SER A 401 -4.55 -40.69 -60.07
N TYR A 402 -5.71 -41.34 -60.04
CA TYR A 402 -6.78 -40.97 -59.13
C TYR A 402 -6.69 -41.68 -57.76
N SER A 403 -5.83 -42.69 -57.65
CA SER A 403 -5.59 -43.34 -56.37
C SER A 403 -4.66 -42.50 -55.48
N VAL A 404 -4.99 -42.44 -54.20
CA VAL A 404 -4.11 -41.78 -53.27
C VAL A 404 -3.35 -42.83 -52.49
N VAL A 405 -2.04 -42.82 -52.62
CA VAL A 405 -1.22 -43.92 -52.13
C VAL A 405 -1.21 -44.03 -50.61
N ASP A 406 -1.30 -42.89 -49.92
CA ASP A 406 -1.12 -42.87 -48.48
C ASP A 406 -2.09 -41.94 -47.77
N THR A 407 -1.86 -41.72 -46.49
CA THR A 407 -2.76 -40.87 -45.75
C THR A 407 -2.23 -39.45 -45.49
N SER A 408 -1.37 -38.98 -46.40
CA SER A 408 -0.92 -37.60 -46.31
C SER A 408 -2.05 -36.64 -46.76
N PRO A 409 -2.02 -35.38 -46.27
CA PRO A 409 -3.07 -34.45 -46.64
C PRO A 409 -3.08 -34.22 -48.13
N GLN A 410 -4.26 -34.17 -48.73
CA GLN A 410 -4.41 -33.80 -50.13
C GLN A 410 -4.92 -32.36 -50.15
N THR A 411 -4.04 -31.42 -50.50
CA THR A 411 -4.26 -29.99 -50.26
C THR A 411 -4.42 -29.22 -51.56
N VAL A 412 -5.43 -28.36 -51.59
CA VAL A 412 -5.61 -27.36 -52.65
C VAL A 412 -5.56 -25.98 -51.99
N SER A 413 -4.93 -25.02 -52.66
CA SER A 413 -4.80 -23.69 -52.08
C SER A 413 -4.77 -22.63 -53.17
N ALA A 414 -5.37 -21.48 -52.86
CA ALA A 414 -5.54 -20.38 -53.81
C ALA A 414 -5.67 -19.08 -53.06
N GLU A 415 -5.77 -17.98 -53.81
CA GLU A 415 -6.07 -16.65 -53.26
C GLU A 415 -7.36 -16.06 -53.82
N PHE A 416 -8.13 -15.42 -52.94
CA PHE A 416 -9.42 -14.86 -53.32
C PHE A 416 -9.50 -13.36 -53.00
N GLU A 417 -10.43 -12.68 -53.66
CA GLU A 417 -10.70 -11.29 -53.35
C GLU A 417 -12.09 -11.15 -52.72
N ILE A 418 -12.16 -10.40 -51.63
CA ILE A 418 -13.42 -10.06 -51.02
C ILE A 418 -13.87 -8.71 -51.57
N PRO A 419 -15.05 -8.66 -52.20
CA PRO A 419 -15.56 -7.39 -52.73
C PRO A 419 -15.80 -6.37 -51.63
N LYS A 420 -15.58 -5.09 -51.93
CA LYS A 420 -15.75 -4.04 -50.92
C LYS A 420 -17.19 -3.90 -50.45
N THR A 421 -18.10 -4.59 -51.14
CA THR A 421 -19.53 -4.51 -50.84
C THR A 421 -20.08 -5.75 -50.18
N LEU A 422 -19.24 -6.77 -49.99
CA LEU A 422 -19.64 -7.99 -49.30
C LEU A 422 -20.20 -7.65 -47.94
N ALA A 423 -21.36 -8.26 -47.61
CA ALA A 423 -22.12 -7.91 -46.40
C ALA A 423 -21.46 -8.37 -45.08
N PRO A 424 -21.70 -7.63 -43.97
CA PRO A 424 -21.18 -8.07 -42.68
C PRO A 424 -21.72 -9.45 -42.29
N GLY A 425 -20.89 -10.28 -41.65
CA GLY A 425 -21.34 -11.58 -41.16
C GLY A 425 -20.20 -12.56 -41.06
N ILE A 426 -20.49 -13.85 -40.89
CA ILE A 426 -19.43 -14.84 -40.82
C ILE A 426 -19.45 -15.73 -42.04
N TYR A 427 -18.28 -15.90 -42.62
CA TYR A 427 -18.18 -16.59 -43.85
C TYR A 427 -17.18 -17.73 -43.70
N MSE A 428 -17.23 -18.69 -44.61
CA MSE A 428 -16.42 -19.88 -44.49
C MSE A 428 -16.11 -20.35 -45.91
O MSE A 428 -16.93 -20.14 -46.82
CB MSE A 428 -17.24 -20.89 -43.72
CG MSE A 428 -16.54 -22.09 -43.15
SE MSE A 428 -17.93 -22.87 -42.04
CE MSE A 428 -17.83 -21.66 -40.54
N PHE A 429 -14.95 -20.95 -46.13
CA PHE A 429 -14.69 -21.53 -47.46
C PHE A 429 -15.16 -22.98 -47.49
N GLN A 430 -15.36 -23.52 -48.68
CA GLN A 430 -15.76 -24.92 -48.79
C GLN A 430 -14.73 -25.68 -49.61
N MSE A 431 -14.71 -26.99 -49.46
CA MSE A 431 -14.00 -27.85 -50.42
C MSE A 431 -14.98 -28.62 -51.24
O MSE A 431 -15.87 -29.32 -50.71
CB MSE A 431 -13.04 -28.81 -49.72
CG MSE A 431 -12.34 -29.78 -50.67
SE MSE A 431 -10.88 -30.70 -49.74
CE MSE A 431 -9.38 -29.70 -50.37
N GLY A 432 -14.84 -28.49 -52.55
CA GLY A 432 -15.56 -29.33 -53.48
C GLY A 432 -14.78 -30.62 -53.61
N VAL A 433 -15.46 -31.75 -53.48
CA VAL A 433 -14.82 -33.04 -53.52
C VAL A 433 -15.71 -34.04 -54.26
N TYR A 434 -15.07 -34.84 -55.11
CA TYR A 434 -15.70 -35.92 -55.86
C TYR A 434 -14.72 -37.07 -55.75
N LYS A 435 -15.20 -38.20 -55.21
CA LYS A 435 -14.31 -39.27 -54.81
C LYS A 435 -15.03 -40.60 -54.67
N TYR A 436 -14.24 -41.63 -54.34
CA TYR A 436 -14.69 -43.01 -54.10
C TYR A 436 -15.28 -43.73 -55.31
N SER A 437 -15.04 -45.04 -55.39
CA SER A 437 -15.70 -45.92 -56.35
C SER A 437 -17.22 -45.70 -56.25
N ASN A 438 -17.77 -45.82 -55.04
CA ASN A 438 -19.16 -45.40 -54.77
C ASN A 438 -19.18 -43.87 -54.76
N SER A 439 -19.53 -43.29 -55.91
CA SER A 439 -19.27 -41.90 -56.26
C SER A 439 -19.96 -40.85 -55.35
N LEU A 440 -19.13 -40.13 -54.59
CA LEU A 440 -19.60 -39.12 -53.65
C LEU A 440 -19.22 -37.75 -54.17
N LYS A 441 -20.19 -36.85 -54.20
CA LYS A 441 -20.00 -35.46 -54.60
C LYS A 441 -20.45 -34.55 -53.45
N ASP A 442 -19.58 -33.69 -52.93
CA ASP A 442 -19.96 -32.84 -51.81
C ASP A 442 -19.21 -31.51 -51.66
N LEU A 443 -19.90 -30.52 -51.10
CA LEU A 443 -19.30 -29.26 -50.72
C LEU A 443 -19.21 -29.15 -49.20
N VAL A 444 -17.99 -29.10 -48.67
CA VAL A 444 -17.77 -29.19 -47.24
C VAL A 444 -17.28 -27.87 -46.69
N SER A 445 -18.04 -27.33 -45.76
CA SER A 445 -17.63 -26.11 -45.09
C SER A 445 -16.46 -26.41 -44.17
N ILE A 446 -15.40 -25.62 -44.27
CA ILE A 446 -14.21 -25.84 -43.47
C ILE A 446 -14.08 -24.70 -42.47
N PRO A 447 -14.52 -24.93 -41.23
CA PRO A 447 -14.58 -23.87 -40.22
C PRO A 447 -13.21 -23.26 -39.95
N GLU A 448 -12.16 -24.00 -40.26
CA GLU A 448 -10.79 -23.52 -40.12
C GLU A 448 -10.47 -22.37 -41.09
N THR A 449 -11.39 -22.14 -42.04
CA THR A 449 -11.23 -21.06 -43.01
C THR A 449 -12.15 -19.88 -42.71
N ALA A 450 -12.90 -19.95 -41.62
CA ALA A 450 -13.84 -18.89 -41.24
C ALA A 450 -13.23 -17.49 -41.14
N PHE A 451 -13.86 -16.50 -41.75
CA PHE A 451 -13.49 -15.14 -41.47
C PHE A 451 -14.75 -14.39 -41.17
N GLU A 452 -14.59 -13.16 -40.68
CA GLU A 452 -15.72 -12.33 -40.32
C GLU A 452 -15.60 -10.89 -40.74
N ILE A 453 -16.62 -10.43 -41.46
CA ILE A 453 -16.72 -9.05 -41.84
C ILE A 453 -17.54 -8.32 -40.82
N ALA A 454 -16.88 -7.39 -40.12
CA ALA A 454 -17.48 -6.68 -38.99
C ALA A 454 -18.67 -5.81 -39.38
N GLY A 455 -19.71 -5.86 -38.56
CA GLY A 455 -20.88 -5.00 -38.70
C GLY A 455 -20.73 -3.72 -37.89
N PRO A 456 -21.84 -3.07 -37.56
CA PRO A 456 -21.68 -1.86 -36.76
C PRO A 456 -21.57 -2.17 -35.26
N ASP A 457 -20.88 -1.30 -34.53
CA ASP A 457 -20.74 -1.46 -33.09
C ASP A 457 -22.12 -1.64 -32.51
N LEU A 458 -22.29 -2.65 -31.65
CA LEU A 458 -23.55 -2.81 -30.95
C LEU A 458 -23.99 -1.51 -30.30
N PRO A 459 -25.31 -1.32 -30.15
CA PRO A 459 -25.79 -0.19 -29.34
C PRO A 459 -25.51 -0.41 -27.87
N ALA A 460 -25.32 0.66 -27.12
CA ALA A 460 -25.11 0.57 -25.68
C ALA A 460 -26.30 -0.15 -25.03
N LEU A 461 -26.06 -0.85 -23.93
CA LEU A 461 -27.15 -1.45 -23.17
C LEU A 461 -27.78 -0.41 -22.29
N PRO A 462 -29.12 -0.49 -22.11
CA PRO A 462 -29.80 0.31 -21.09
C PRO A 462 -29.06 0.17 -19.75
N GLU A 463 -28.97 1.23 -18.98
CA GLU A 463 -28.23 1.15 -17.73
C GLU A 463 -28.91 0.20 -16.75
N ARG A 464 -28.10 -0.52 -15.98
CA ARG A 464 -28.59 -1.38 -14.92
C ARG A 464 -29.25 -0.51 -13.85
N LYS A 465 -30.33 -1.02 -13.26
CA LYS A 465 -30.99 -0.32 -12.17
C LYS A 465 -30.53 -0.87 -10.82
N ILE A 466 -29.48 -0.27 -10.27
CA ILE A 466 -28.92 -0.70 -9.00
C ILE A 466 -29.76 -0.12 -7.87
N LYS A 467 -29.89 -0.86 -6.77
CA LYS A 467 -30.67 -0.41 -5.62
C LYS A 467 -29.89 0.63 -4.81
N PRO A 468 -30.60 1.67 -4.30
CA PRO A 468 -29.95 2.65 -3.37
C PRO A 468 -30.07 2.20 -1.90
N ASN B 24 26.02 11.68 45.30
CA ASN B 24 26.16 13.09 44.82
C ASN B 24 26.24 14.06 46.00
N THR B 25 26.86 13.62 47.10
CA THR B 25 26.87 14.34 48.42
C THR B 25 28.14 15.17 48.74
N VAL B 26 28.04 16.49 48.74
CA VAL B 26 29.25 17.35 48.74
C VAL B 26 29.59 18.11 50.05
N THR B 27 30.59 17.60 50.78
CA THR B 27 31.07 18.20 52.05
C THR B 27 32.25 19.15 51.85
N SER B 28 32.54 19.95 52.87
CA SER B 28 33.56 21.02 52.77
C SER B 28 33.79 21.77 54.07
N ASP B 29 35.06 22.08 54.33
CA ASP B 29 35.50 22.76 55.54
C ASP B 29 34.94 24.16 55.64
N VAL B 30 34.40 24.48 56.82
CA VAL B 30 33.93 25.84 57.13
C VAL B 30 34.71 26.42 58.26
N ASP B 31 34.77 27.75 58.30
CA ASP B 31 35.42 28.48 59.39
C ASP B 31 34.40 29.46 59.96
N CYS B 32 33.83 29.11 61.12
CA CYS B 32 32.76 29.90 61.71
C CYS B 32 33.25 30.91 62.74
N SER B 33 32.80 32.15 62.61
CA SER B 33 32.99 33.18 63.64
C SER B 33 31.69 33.45 64.37
N VAL B 34 31.77 33.45 65.70
CA VAL B 34 30.68 33.89 66.55
C VAL B 34 31.01 35.24 67.13
N SER B 35 30.02 36.12 67.12
CA SER B 35 30.11 37.41 67.79
C SER B 35 28.88 37.56 68.69
N ALA B 36 29.12 37.62 69.98
CA ALA B 36 28.04 37.75 70.96
C ALA B 36 28.25 38.99 71.82
N ALA B 37 27.15 39.43 72.43
CA ALA B 37 27.18 40.48 73.42
C ALA B 37 27.69 41.78 72.83
N TRP B 38 27.06 42.24 71.76
CA TRP B 38 27.38 43.55 71.22
C TRP B 38 28.87 43.64 70.85
N GLY B 39 29.40 42.51 70.38
CA GLY B 39 30.79 42.36 69.96
C GLY B 39 31.83 42.10 71.05
N LEU B 40 31.39 42.02 72.31
CA LEU B 40 32.33 41.87 73.42
C LEU B 40 32.69 40.40 73.75
N TYR B 41 32.13 39.47 72.98
CA TYR B 41 32.38 38.05 73.20
C TYR B 41 32.59 37.41 71.82
N LYS B 42 33.84 37.24 71.43
CA LYS B 42 34.17 36.70 70.12
C LYS B 42 34.87 35.36 70.30
N PHE B 43 34.33 34.31 69.69
CA PHE B 43 35.06 33.07 69.55
C PHE B 43 34.85 32.52 68.13
N ASN B 44 35.41 31.34 67.85
CA ASN B 44 35.89 31.04 66.51
C ASN B 44 36.13 29.54 66.36
N GLN B 45 35.46 28.89 65.41
CA GLN B 45 35.61 27.44 65.29
C GLN B 45 35.54 26.86 63.88
N LYS B 46 36.59 26.14 63.51
CA LYS B 46 36.64 25.40 62.25
C LYS B 46 35.75 24.18 62.33
N SER B 47 35.05 23.89 61.23
CA SER B 47 34.06 22.80 61.17
C SER B 47 33.89 22.18 59.76
N ASN B 48 32.77 21.49 59.55
CA ASN B 48 32.43 20.80 58.30
C ASN B 48 30.94 20.88 57.97
N PHE B 49 30.63 21.08 56.69
CA PHE B 49 29.25 21.30 56.22
C PHE B 49 28.91 20.36 55.09
N SER B 50 28.08 19.37 55.37
CA SER B 50 27.75 18.32 54.40
C SER B 50 26.29 18.40 53.88
N ALA B 51 26.15 18.45 52.56
CA ALA B 51 24.83 18.50 51.93
C ALA B 51 24.76 17.73 50.61
N GLU B 52 23.58 17.17 50.34
CA GLU B 52 23.32 16.42 49.11
C GLU B 52 22.20 17.10 48.32
N PHE B 53 22.54 17.52 47.11
CA PHE B 53 21.59 18.18 46.23
C PHE B 53 21.01 17.19 45.20
N GLU B 54 19.92 16.53 45.58
CA GLU B 54 19.30 15.54 44.70
C GLU B 54 18.45 16.25 43.63
N MSE B 55 19.01 16.34 42.43
CA MSE B 55 18.40 17.04 41.32
C MSE B 55 18.36 16.17 40.08
O MSE B 55 19.19 15.26 39.94
CB MSE B 55 19.19 18.30 41.00
CG MSE B 55 18.55 19.55 41.52
SE MSE B 55 19.72 21.06 41.21
CE MSE B 55 21.04 20.60 42.54
N PRO B 56 17.41 16.44 39.16
CA PRO B 56 17.40 15.74 37.88
C PRO B 56 18.63 16.13 37.05
N GLU B 57 19.01 15.28 36.11
CA GLU B 57 20.19 15.54 35.29
C GLU B 57 20.01 16.68 34.30
N SER B 58 18.83 16.74 33.70
CA SER B 58 18.50 17.79 32.76
C SER B 58 17.03 18.22 32.85
N VAL B 59 16.79 19.49 32.52
CA VAL B 59 15.45 20.02 32.39
C VAL B 59 15.45 21.03 31.27
N LYS B 60 14.26 21.51 30.92
CA LYS B 60 14.14 22.52 29.88
C LYS B 60 13.83 23.91 30.42
N ALA B 61 14.36 24.92 29.74
CA ALA B 61 14.12 26.31 30.09
C ALA B 61 12.63 26.58 30.22
N GLY B 62 12.26 27.28 31.28
CA GLY B 62 10.87 27.66 31.48
C GLY B 62 10.01 26.56 32.10
N THR B 63 10.60 25.38 32.30
CA THR B 63 9.92 24.29 33.02
C THR B 63 10.40 24.22 34.47
N GLY B 64 9.44 24.28 35.39
CA GLY B 64 9.69 24.13 36.81
C GLY B 64 10.22 22.76 37.16
N PHE B 65 11.05 22.71 38.21
CA PHE B 65 11.61 21.46 38.73
C PHE B 65 12.05 21.61 40.18
N ASP B 66 12.26 20.47 40.84
CA ASP B 66 12.50 20.41 42.27
C ASP B 66 13.92 20.02 42.63
N ALA B 67 14.53 20.77 43.54
CA ALA B 67 15.82 20.41 44.15
C ALA B 67 15.59 19.96 45.59
N LEU B 68 15.94 18.71 45.88
CA LEU B 68 15.85 18.20 47.25
C LEU B 68 17.22 18.28 47.97
N ILE B 69 17.29 19.11 49.01
CA ILE B 69 18.51 19.28 49.77
C ILE B 69 18.43 18.53 51.10
N LYS B 70 19.27 17.51 51.23
CA LYS B 70 19.42 16.81 52.50
C LYS B 70 20.67 17.35 53.21
N ILE B 71 20.45 18.06 54.31
CA ILE B 71 21.57 18.59 55.10
C ILE B 71 21.83 17.75 56.33
N LYS B 72 23.04 17.17 56.37
CA LYS B 72 23.46 16.30 57.45
C LYS B 72 23.71 17.13 58.72
N ASP B 73 23.20 16.64 59.85
CA ASP B 73 23.38 17.29 61.14
C ASP B 73 24.82 17.74 61.29
N ILE B 74 25.03 18.88 61.94
CA ILE B 74 26.37 19.26 62.34
C ILE B 74 26.47 19.45 63.85
N SER B 75 27.31 18.62 64.48
CA SER B 75 27.44 18.55 65.93
C SER B 75 28.80 19.06 66.37
N VAL B 76 28.80 20.06 67.24
CA VAL B 76 30.06 20.66 67.75
C VAL B 76 30.15 20.80 69.28
N SER B 77 31.16 20.18 69.87
CA SER B 77 31.47 20.40 71.28
C SER B 77 32.37 21.61 71.41
N ASN B 78 31.93 22.61 72.19
CA ASN B 78 32.74 23.79 72.44
C ASN B 78 32.54 24.29 73.88
N ASP B 79 33.65 24.51 74.59
CA ASP B 79 33.61 24.99 75.96
C ASP B 79 32.96 26.36 76.09
N ASN B 80 32.97 27.12 74.99
CA ASN B 80 32.31 28.42 74.94
C ASN B 80 30.79 28.38 75.07
N LEU B 81 30.25 27.17 75.17
CA LEU B 81 28.81 26.95 75.33
C LEU B 81 28.41 26.40 76.72
N SER B 82 29.40 26.13 77.56
CA SER B 82 29.15 25.68 78.92
C SER B 82 28.25 26.67 79.66
N GLY B 83 27.25 26.13 80.35
CA GLY B 83 26.42 26.91 81.26
C GLY B 83 25.08 27.41 80.76
N TYR B 84 24.79 27.28 79.47
CA TYR B 84 23.56 27.84 78.89
C TYR B 84 22.40 26.83 78.77
N LYS B 85 21.27 27.16 79.38
CA LYS B 85 20.09 26.27 79.41
C LYS B 85 19.36 26.20 78.06
N ASN B 86 18.78 27.33 77.63
CA ASN B 86 18.02 27.35 76.38
C ASN B 86 18.69 28.21 75.29
N ALA B 87 18.64 27.73 74.06
CA ALA B 87 19.26 28.39 72.90
C ALA B 87 18.45 28.16 71.64
N LYS B 88 18.08 29.24 70.95
CA LYS B 88 17.26 29.17 69.75
C LYS B 88 17.94 29.89 68.60
N LEU B 89 17.60 29.53 67.37
CA LEU B 89 18.02 30.29 66.21
C LEU B 89 16.92 31.22 65.80
N THR B 90 17.21 32.51 65.80
CA THR B 90 16.22 33.52 65.43
C THR B 90 16.27 33.74 63.91
N LYS B 91 17.48 33.74 63.35
CA LYS B 91 17.72 33.90 61.92
C LYS B 91 18.70 32.81 61.47
N SER B 92 18.61 32.40 60.21
CA SER B 92 19.70 31.63 59.59
C SER B 92 19.62 31.67 58.08
N SER B 93 20.76 31.47 57.43
CA SER B 93 20.90 31.71 56.00
C SER B 93 21.91 30.76 55.40
N ILE B 94 21.46 29.89 54.50
CA ILE B 94 22.37 29.07 53.71
C ILE B 94 22.49 29.71 52.35
N ARG B 95 23.71 29.94 51.88
CA ARG B 95 23.90 30.72 50.68
C ARG B 95 24.63 29.91 49.64
N ILE B 96 23.96 29.72 48.51
CA ILE B 96 24.49 28.91 47.43
C ILE B 96 24.60 29.85 46.26
N ASN B 97 25.70 29.74 45.53
CA ASN B 97 25.85 30.42 44.26
C ASN B 97 25.11 29.61 43.20
N VAL B 98 24.10 30.20 42.59
CA VAL B 98 23.35 29.49 41.56
C VAL B 98 23.52 30.08 40.17
N GLY B 99 24.20 31.20 40.06
CA GLY B 99 24.36 31.88 38.78
C GLY B 99 23.08 32.57 38.35
N LYS B 100 23.18 33.34 37.28
CA LYS B 100 22.08 34.23 36.89
C LYS B 100 21.07 33.62 35.90
N ASN B 101 21.08 32.30 35.75
CA ASN B 101 20.26 31.61 34.74
C ASN B 101 19.01 30.92 35.31
N VAL B 102 18.61 31.33 36.51
CA VAL B 102 17.57 30.63 37.24
C VAL B 102 16.72 31.59 38.10
N LYS B 103 15.44 31.24 38.25
CA LYS B 103 14.53 31.96 39.13
C LYS B 103 13.63 30.98 39.92
N LEU B 104 13.08 31.44 41.04
CA LEU B 104 12.16 30.65 41.87
C LEU B 104 10.80 30.49 41.19
N ASP B 105 10.23 29.30 41.30
CA ASP B 105 8.89 29.06 40.80
C ASP B 105 7.86 29.11 41.94
N GLY B 106 7.17 30.24 42.08
CA GLY B 106 6.16 30.42 43.15
C GLY B 106 6.72 31.05 44.42
N ASN B 107 5.83 31.58 45.27
CA ASN B 107 6.27 32.21 46.51
C ASN B 107 6.51 31.19 47.63
N GLN B 108 7.78 30.87 47.83
CA GLN B 108 8.17 29.81 48.72
C GLN B 108 8.69 30.42 50.01
N PRO B 109 8.19 29.92 51.15
CA PRO B 109 8.57 30.44 52.45
C PRO B 109 10.06 30.37 52.68
N GLY B 110 10.62 31.44 53.23
CA GLY B 110 12.04 31.54 53.57
C GLY B 110 13.05 31.41 52.45
N LEU B 111 12.63 31.48 51.20
CA LEU B 111 13.60 31.49 50.11
C LEU B 111 13.59 32.80 49.33
N SER B 112 14.79 33.21 48.93
CA SER B 112 14.96 34.41 48.10
C SER B 112 16.13 34.23 47.14
N LEU B 113 16.12 35.01 46.07
CA LEU B 113 17.09 34.88 45.02
C LEU B 113 17.52 36.24 44.51
N SER B 114 18.68 36.68 44.96
CA SER B 114 19.20 37.97 44.54
C SER B 114 20.56 37.85 43.86
N ASN B 115 20.65 38.34 42.62
CA ASN B 115 21.93 38.51 41.94
C ASN B 115 22.75 37.21 42.00
N GLY B 116 22.12 36.13 41.56
CA GLY B 116 22.75 34.83 41.46
C GLY B 116 22.91 34.06 42.77
N VAL B 117 22.51 34.67 43.87
CA VAL B 117 22.66 34.02 45.16
C VAL B 117 21.32 33.51 45.61
N LEU B 118 21.27 32.23 45.94
CA LEU B 118 20.09 31.62 46.51
C LEU B 118 20.27 31.55 48.01
N SER B 119 19.38 32.23 48.73
CA SER B 119 19.45 32.22 50.17
C SER B 119 18.33 31.37 50.73
N ILE B 120 18.70 30.40 51.56
CA ILE B 120 17.75 29.55 52.24
C ILE B 120 17.66 30.01 53.70
N ASN B 121 16.58 30.71 54.00
CA ASN B 121 16.47 31.40 55.26
C ASN B 121 15.63 30.66 56.28
N ASP B 122 16.05 30.78 57.55
CA ASP B 122 15.26 30.40 58.73
C ASP B 122 14.74 28.95 58.67
N HIS B 123 15.56 28.07 58.10
CA HIS B 123 15.26 26.67 57.90
C HIS B 123 16.02 25.80 58.90
N LEU B 124 17.04 26.38 59.52
CA LEU B 124 17.91 25.65 60.45
C LEU B 124 17.38 25.62 61.86
N LYS B 125 17.53 24.48 62.51
CA LYS B 125 17.05 24.32 63.89
C LYS B 125 18.21 23.99 64.83
N ALA B 126 18.34 24.76 65.91
CA ALA B 126 19.40 24.54 66.89
C ALA B 126 18.90 24.09 68.26
N SER B 127 19.57 23.08 68.81
CA SER B 127 19.35 22.64 70.19
C SER B 127 20.68 22.40 70.89
N LEU B 128 20.72 22.75 72.18
CA LEU B 128 21.94 22.66 72.97
C LEU B 128 21.85 21.54 74.00
N GLU B 129 22.82 20.62 73.97
CA GLU B 129 22.85 19.46 74.88
C GLU B 129 24.10 19.41 75.78
N GLY B 130 24.32 20.48 76.56
CA GLY B 130 25.41 20.54 77.53
C GLY B 130 26.66 21.24 77.04
N ASN B 131 27.57 20.47 76.43
CA ASN B 131 28.76 21.01 75.78
C ASN B 131 28.52 21.03 74.27
N SER B 132 27.85 19.98 73.80
CA SER B 132 27.59 19.77 72.38
C SER B 132 26.38 20.56 71.86
N LEU B 133 26.59 21.26 70.75
CA LEU B 133 25.51 21.93 70.03
C LEU B 133 25.22 21.17 68.74
N ARG B 134 23.95 20.82 68.53
CA ARG B 134 23.53 20.20 67.25
C ARG B 134 22.69 21.15 66.42
N ILE B 135 23.16 21.41 65.21
CA ILE B 135 22.40 22.16 64.23
C ILE B 135 21.91 21.19 63.16
N SER B 136 20.60 21.19 62.91
CA SER B 136 20.00 20.35 61.87
C SER B 136 19.03 21.10 60.97
N ALA B 137 18.68 20.49 59.84
CA ALA B 137 17.64 21.02 58.96
C ALA B 137 16.78 19.90 58.39
N ALA B 138 15.47 20.06 58.51
CA ALA B 138 14.53 19.20 57.77
C ALA B 138 14.85 19.34 56.25
N PRO B 139 14.74 18.22 55.48
CA PRO B 139 15.16 18.28 54.07
C PRO B 139 14.37 19.34 53.29
N ILE B 140 15.08 20.21 52.59
CA ILE B 140 14.45 21.38 51.98
C ILE B 140 14.23 21.23 50.47
N THR B 141 12.99 21.43 50.06
CA THR B 141 12.62 21.35 48.66
C THR B 141 12.58 22.74 48.05
N VAL B 142 13.45 22.99 47.09
CA VAL B 142 13.43 24.24 46.35
C VAL B 142 12.87 24.03 44.95
N ARG B 143 11.88 24.82 44.56
CA ARG B 143 11.41 24.77 43.19
C ARG B 143 12.00 25.91 42.35
N LEU B 144 12.60 25.54 41.23
CA LEU B 144 13.22 26.50 40.34
C LEU B 144 12.80 26.22 38.90
N GLN B 145 12.92 27.24 38.06
CA GLN B 145 12.96 27.02 36.62
C GLN B 145 14.15 27.76 36.00
N ALA B 146 14.72 27.17 34.94
CA ALA B 146 15.81 27.80 34.22
C ALA B 146 15.24 28.75 33.18
N LEU B 147 15.97 29.82 32.87
CA LEU B 147 15.45 30.90 32.05
C LEU B 147 15.68 30.64 30.58
N THR B 148 16.93 30.36 30.24
CA THR B 148 17.33 30.06 28.85
C THR B 148 18.25 28.85 28.84
N GLU B 149 18.28 28.13 27.73
CA GLU B 149 19.05 26.88 27.59
C GLU B 149 20.52 27.03 27.98
N GLY B 150 21.14 25.92 28.38
CA GLY B 150 22.54 25.94 28.78
C GLY B 150 22.89 25.05 29.95
N THR B 151 23.59 25.62 30.92
CA THR B 151 24.13 24.85 32.04
C THR B 151 23.92 25.57 33.36
N LEU B 152 23.60 24.80 34.39
CA LEU B 152 23.44 25.36 35.73
C LEU B 152 24.53 24.79 36.60
N THR B 153 25.23 25.67 37.33
CA THR B 153 26.32 25.24 38.21
C THR B 153 26.16 25.80 39.62
N PHE B 154 26.07 24.91 40.59
CA PHE B 154 25.80 25.30 41.96
C PHE B 154 27.03 25.24 42.86
N ILE B 155 27.79 26.34 42.89
CA ILE B 155 28.94 26.52 43.77
C ILE B 155 28.44 26.93 45.14
N PRO B 156 29.17 26.60 46.21
CA PRO B 156 28.86 27.30 47.48
C PRO B 156 29.29 28.77 47.43
N GLU B 157 28.69 29.58 48.29
CA GLU B 157 29.11 30.98 48.44
C GLU B 157 30.24 31.04 49.43
N LYS B 158 31.15 32.00 49.25
CA LYS B 158 32.27 32.19 50.17
C LYS B 158 31.77 32.20 51.62
N THR B 159 30.69 32.93 51.90
CA THR B 159 30.01 32.88 53.19
C THR B 159 28.80 31.97 53.08
N ILE B 160 29.05 30.70 53.34
CA ILE B 160 28.07 29.66 53.09
C ILE B 160 26.92 29.67 54.08
N LEU B 161 27.17 30.21 55.26
CA LEU B 161 26.19 30.07 56.33
C LEU B 161 26.30 31.19 57.35
N THR B 162 25.16 31.80 57.68
CA THR B 162 25.08 32.77 58.77
C THR B 162 23.86 32.42 59.58
N ASN B 163 23.97 32.55 60.90
CA ASN B 163 22.80 32.43 61.74
C ASN B 163 22.87 33.46 62.85
N THR B 164 21.77 33.58 63.57
CA THR B 164 21.66 34.43 64.74
C THR B 164 20.91 33.68 65.82
N ALA B 165 21.55 33.57 66.96
CA ALA B 165 21.06 32.76 68.04
C ALA B 165 20.73 33.61 69.24
N SER B 166 19.61 33.29 69.87
CA SER B 166 19.23 33.91 71.12
C SER B 166 19.49 32.95 72.29
N VAL B 167 20.40 33.34 73.19
CA VAL B 167 20.89 32.46 74.25
C VAL B 167 20.92 33.19 75.60
N ASP B 168 19.94 32.91 76.44
CA ASP B 168 19.90 33.47 77.81
C ASP B 168 19.83 35.02 77.87
N GLY B 169 19.13 35.64 76.94
CA GLY B 169 19.11 37.10 76.85
C GLY B 169 20.23 37.68 75.96
N TYR B 170 21.21 36.85 75.59
CA TYR B 170 22.30 37.31 74.75
C TYR B 170 21.93 37.06 73.31
N THR B 171 22.52 37.83 72.40
CA THR B 171 22.37 37.60 70.96
C THR B 171 23.73 37.26 70.37
N ALA B 172 23.81 36.14 69.66
CA ALA B 172 25.06 35.79 68.97
C ALA B 172 24.93 35.62 67.47
N ASN B 173 25.83 36.26 66.73
CA ASN B 173 25.84 36.18 65.27
C ASN B 173 26.96 35.28 64.81
N THR B 174 26.61 34.16 64.20
CA THR B 174 27.61 33.26 63.69
C THR B 174 27.79 33.51 62.20
N THR B 175 29.04 33.58 61.75
CA THR B 175 29.33 33.69 60.32
C THR B 175 30.29 32.59 59.94
N CYS B 176 29.93 31.82 58.92
CA CYS B 176 30.74 30.71 58.46
C CYS B 176 31.19 30.91 57.03
N THR B 177 32.49 30.80 56.79
CA THR B 177 33.06 30.92 55.46
C THR B 177 33.72 29.63 55.05
N THR B 178 33.66 29.34 53.76
CA THR B 178 34.35 28.21 53.17
C THR B 178 35.07 28.65 51.89
N ASN B 179 36.08 27.88 51.48
CA ASN B 179 36.84 28.12 50.23
C ASN B 179 36.55 27.10 49.14
N ALA B 180 35.46 26.36 49.26
CA ALA B 180 35.18 25.30 48.29
C ALA B 180 34.67 25.82 46.93
N ASP B 181 35.16 25.19 45.87
CA ASP B 181 34.81 25.51 44.49
C ASP B 181 34.06 24.34 43.92
N LYS B 182 34.16 23.20 44.61
CA LYS B 182 33.60 21.96 44.10
C LYS B 182 32.09 22.00 44.26
N PRO B 183 31.36 21.91 43.12
CA PRO B 183 29.93 22.25 43.03
C PRO B 183 28.99 21.13 43.45
N PHE B 184 27.97 21.48 44.22
CA PHE B 184 26.97 20.52 44.71
C PHE B 184 26.24 19.79 43.58
N ALA B 185 26.06 20.48 42.44
CA ALA B 185 25.43 19.86 41.29
C ALA B 185 25.53 20.64 39.98
N THR B 186 25.43 19.88 38.89
CA THR B 186 25.35 20.42 37.56
C THR B 186 24.02 19.97 36.94
N VAL B 187 23.34 20.88 36.26
CA VAL B 187 22.15 20.53 35.49
C VAL B 187 22.22 21.07 34.05
N LYS B 188 22.15 20.16 33.07
CA LYS B 188 22.02 20.53 31.67
C LYS B 188 20.67 21.22 31.44
N VAL B 189 20.66 22.30 30.67
CA VAL B 189 19.40 22.97 30.38
C VAL B 189 19.11 22.97 28.89
N ASP B 190 18.14 22.15 28.50
CA ASP B 190 17.61 22.14 27.15
C ASP B 190 16.71 23.37 26.95
N PRO B 191 16.38 23.69 25.69
CA PRO B 191 15.56 24.87 25.52
C PRO B 191 14.07 24.58 25.70
N ALA B 192 13.28 25.64 25.88
CA ALA B 192 11.82 25.54 25.87
C ALA B 192 11.38 25.00 24.53
N ASP B 193 10.54 23.97 24.55
CA ASP B 193 10.05 23.33 23.33
C ASP B 193 9.55 24.34 22.29
N GLY B 194 9.69 23.97 21.02
CA GLY B 194 9.33 24.82 19.88
C GLY B 194 8.19 24.18 19.11
N LEU B 195 8.02 24.57 17.84
CA LEU B 195 6.97 24.01 17.03
C LEU B 195 7.45 22.74 16.38
N THR B 196 6.56 21.75 16.33
CA THR B 196 6.83 20.50 15.62
C THR B 196 5.80 20.38 14.50
N ILE B 197 6.22 19.77 13.40
CA ILE B 197 5.41 19.76 12.19
C ILE B 197 4.94 18.35 11.85
N THR B 198 3.72 18.24 11.35
CA THR B 198 3.21 16.96 10.92
C THR B 198 2.88 17.03 9.45
N ALA B 199 3.54 16.16 8.70
CA ALA B 199 3.42 16.15 7.25
C ALA B 199 3.54 14.71 6.80
N PRO B 200 2.89 14.36 5.67
CA PRO B 200 3.00 12.98 5.24
C PRO B 200 4.46 12.64 4.98
N GLU B 201 4.75 11.35 4.91
CA GLU B 201 6.11 10.87 4.63
C GLU B 201 6.56 11.26 3.19
N SER B 202 5.58 11.33 2.28
CA SER B 202 5.76 11.70 0.86
C SER B 202 4.43 12.19 0.31
N ALA B 203 4.48 12.93 -0.80
CA ALA B 203 3.24 13.32 -1.48
C ALA B 203 3.42 13.43 -3.00
N SER B 204 2.31 13.55 -3.71
CA SER B 204 2.32 13.73 -5.14
C SER B 204 1.84 15.12 -5.47
N ILE B 205 2.22 15.60 -6.65
CA ILE B 205 1.72 16.89 -7.13
C ILE B 205 0.23 16.83 -7.41
N LYS B 206 -0.37 18.01 -7.49
CA LYS B 206 -1.81 18.18 -7.78
C LYS B 206 -2.77 17.44 -6.84
N GLN B 207 -2.29 17.03 -5.67
CA GLN B 207 -3.18 16.56 -4.61
C GLN B 207 -3.10 17.44 -3.35
N ASP B 208 -4.14 17.37 -2.51
CA ASP B 208 -4.15 18.11 -1.26
C ASP B 208 -3.20 17.48 -0.26
N VAL B 209 -2.47 18.30 0.47
CA VAL B 209 -1.51 17.82 1.43
C VAL B 209 -1.71 18.55 2.74
N GLN B 210 -2.16 17.81 3.75
CA GLN B 210 -2.41 18.39 5.07
C GLN B 210 -1.11 18.59 5.83
N ILE B 211 -0.94 19.78 6.39
CA ILE B 211 0.23 20.10 7.18
C ILE B 211 -0.25 20.63 8.52
N THR B 212 0.37 20.18 9.59
CA THR B 212 -0.06 20.52 10.94
C THR B 212 1.10 20.89 11.86
N ALA B 213 1.02 22.07 12.48
CA ALA B 213 2.02 22.52 13.46
C ALA B 213 1.47 22.38 14.87
N THR B 214 2.12 21.57 15.71
CA THR B 214 1.72 21.50 17.12
C THR B 214 2.45 22.60 17.89
N VAL B 215 1.69 23.37 18.67
CA VAL B 215 2.24 24.45 19.52
C VAL B 215 2.20 24.01 20.99
N PRO B 216 3.32 24.16 21.73
CA PRO B 216 3.32 23.85 23.16
C PRO B 216 2.33 24.74 23.93
N GLU B 217 1.53 24.11 24.79
CA GLU B 217 0.46 24.77 25.56
C GLU B 217 0.90 26.11 26.14
N LYS B 218 2.19 26.21 26.43
CA LYS B 218 2.75 27.37 27.13
C LYS B 218 2.71 28.68 26.36
N LEU B 219 2.87 28.62 25.04
CA LEU B 219 2.98 29.82 24.22
C LEU B 219 1.62 30.31 23.72
N ASN B 220 0.58 29.56 24.09
CA ASN B 220 -0.77 29.86 23.67
C ASN B 220 -1.74 29.80 24.85
N GLU B 221 -1.26 30.16 26.04
CA GLU B 221 -2.00 29.99 27.27
C GLU B 221 -3.41 30.62 27.20
N LYS B 222 -3.60 31.56 26.28
CA LYS B 222 -4.90 32.22 26.13
C LYS B 222 -5.55 31.98 24.77
N MSE B 223 -5.06 30.97 24.04
CA MSE B 223 -5.47 30.69 22.66
C MSE B 223 -5.71 31.98 21.88
O MSE B 223 -6.85 32.38 21.65
CB MSE B 223 -6.71 29.76 22.61
CG MSE B 223 -7.07 29.23 21.20
SE MSE B 223 -9.02 29.14 20.83
CE MSE B 223 -8.99 29.08 18.85
N ASP B 224 -4.63 32.66 21.51
CA ASP B 224 -4.75 33.93 20.80
C ASP B 224 -3.87 33.99 19.55
N GLY B 225 -2.76 33.26 19.56
CA GLY B 225 -1.77 33.32 18.49
C GLY B 225 -2.15 32.66 17.18
N LYS B 226 -1.22 32.76 16.22
CA LYS B 226 -1.37 32.28 14.86
C LYS B 226 -0.07 31.60 14.38
N VAL B 227 -0.16 30.79 13.33
CA VAL B 227 1.04 30.20 12.71
C VAL B 227 1.16 30.55 11.22
N GLN B 228 2.36 30.97 10.81
CA GLN B 228 2.65 31.22 9.42
C GLN B 228 3.44 30.05 8.85
N PHE B 229 2.91 29.43 7.81
CA PHE B 229 3.61 28.34 7.16
C PHE B 229 4.44 28.87 6.02
N PHE B 230 5.47 28.13 5.65
CA PHE B 230 6.29 28.48 4.51
C PHE B 230 6.57 27.24 3.72
N VAL B 231 6.59 27.39 2.41
CA VAL B 231 7.02 26.34 1.52
C VAL B 231 8.25 26.92 0.85
N ASN B 232 9.32 26.15 0.85
CA ASN B 232 10.58 26.61 0.30
C ASN B 232 10.88 28.07 0.62
N HIS B 233 10.74 28.37 1.90
CA HIS B 233 11.04 29.67 2.51
C HIS B 233 10.22 30.89 2.03
N ILE B 234 9.02 30.62 1.52
CA ILE B 234 8.11 31.67 1.08
C ILE B 234 6.72 31.51 1.73
N ALA B 235 6.19 32.57 2.29
CA ALA B 235 4.92 32.54 3.04
C ALA B 235 3.81 31.82 2.27
N ALA B 236 3.33 30.72 2.83
CA ALA B 236 2.25 29.99 2.21
C ALA B 236 0.91 30.43 2.76
N GLY B 237 0.29 31.39 2.08
CA GLY B 237 -1.00 31.95 2.49
C GLY B 237 -0.94 32.83 3.73
N ASP B 238 -2.11 33.17 4.26
CA ASP B 238 -2.25 33.91 5.52
C ASP B 238 -1.82 33.07 6.73
N PRO B 239 -1.43 33.73 7.83
CA PRO B 239 -1.19 33.05 9.12
C PRO B 239 -2.47 32.41 9.67
N VAL B 240 -2.33 31.18 10.16
CA VAL B 240 -3.46 30.35 10.60
C VAL B 240 -3.69 30.41 12.12
N PRO B 241 -4.95 30.61 12.57
CA PRO B 241 -5.13 30.63 14.03
C PRO B 241 -4.93 29.25 14.65
N VAL B 242 -4.44 29.21 15.88
CA VAL B 242 -4.20 27.96 16.59
C VAL B 242 -5.41 27.59 17.42
N THR B 243 -5.92 26.38 17.23
CA THR B 243 -7.15 25.92 17.91
C THR B 243 -6.95 25.61 19.40
N GLU B 244 -8.04 25.29 20.08
CA GLU B 244 -8.01 24.84 21.48
C GLU B 244 -7.11 23.61 21.58
N ASP B 245 -7.37 22.67 20.67
CA ASP B 245 -6.60 21.46 20.48
C ASP B 245 -5.10 21.71 20.49
N ASN B 246 -4.71 22.96 20.19
CA ASN B 246 -3.30 23.41 20.17
C ASN B 246 -2.58 23.26 18.85
N LYS B 247 -3.30 22.85 17.83
CA LYS B 247 -2.70 22.63 16.54
C LYS B 247 -3.11 23.77 15.61
N ALA B 248 -2.32 23.98 14.57
CA ALA B 248 -2.69 24.86 13.46
C ALA B 248 -2.49 24.06 12.20
N SER B 249 -3.40 24.19 11.26
CA SER B 249 -3.36 23.34 10.07
C SER B 249 -3.57 24.10 8.79
N THR B 250 -2.88 23.65 7.76
CA THR B 250 -3.13 24.11 6.40
C THR B 250 -3.09 22.93 5.46
N SER B 251 -3.64 23.13 4.28
CA SER B 251 -3.65 22.12 3.24
C SER B 251 -2.98 22.82 2.09
N ILE B 252 -2.10 22.13 1.38
CA ILE B 252 -1.42 22.73 0.23
C ILE B 252 -1.33 21.83 -1.00
N ILE B 253 -1.27 22.43 -2.19
CA ILE B 253 -1.20 21.62 -3.40
C ILE B 253 0.12 21.93 -4.10
N PHE B 254 0.98 20.94 -4.29
CA PHE B 254 2.24 21.21 -4.95
C PHE B 254 2.12 21.26 -6.46
N ASP B 255 2.99 22.03 -7.10
CA ASP B 255 2.98 22.16 -8.55
C ASP B 255 4.00 21.25 -9.21
N THR B 256 5.16 21.11 -8.57
CA THR B 256 6.33 20.42 -9.15
C THR B 256 6.92 19.47 -8.10
N SER B 257 7.51 18.36 -8.53
CA SER B 257 8.19 17.48 -7.59
C SER B 257 9.51 18.09 -7.07
N GLY B 258 10.00 17.54 -5.95
CA GLY B 258 11.23 17.99 -5.28
C GLY B 258 11.20 17.75 -3.77
N SER B 259 12.34 17.90 -3.09
CA SER B 259 12.34 17.99 -1.63
C SER B 259 11.80 19.36 -1.31
N LYS B 260 10.64 19.39 -0.69
CA LYS B 260 10.02 20.62 -0.29
C LYS B 260 10.30 20.88 1.18
N THR B 261 10.66 22.12 1.51
CA THR B 261 10.99 22.51 2.88
C THR B 261 9.79 23.23 3.46
N ILE B 262 9.21 22.64 4.50
CA ILE B 262 8.09 23.24 5.17
C ILE B 262 8.60 23.88 6.45
N THR B 263 8.19 25.13 6.66
CA THR B 263 8.57 25.85 7.86
C THR B 263 7.31 26.36 8.52
N ALA B 264 7.26 26.21 9.85
CA ALA B 264 6.16 26.72 10.66
C ALA B 264 6.73 27.75 11.62
N ARG B 265 6.03 28.88 11.73
CA ARG B 265 6.50 30.01 12.52
C ARG B 265 5.36 30.53 13.37
N PHE B 266 5.59 30.65 14.67
CA PHE B 266 4.60 31.17 15.60
C PHE B 266 4.54 32.71 15.60
N ILE B 267 3.33 33.23 15.41
CA ILE B 267 3.03 34.67 15.52
C ILE B 267 2.30 34.92 16.82
N ASP B 268 2.74 35.94 17.54
CA ASP B 268 2.19 36.29 18.85
C ASP B 268 0.90 37.11 18.77
N ALA B 269 0.10 37.11 19.82
CA ALA B 269 -1.05 38.02 19.88
C ALA B 269 -0.55 39.43 19.52
N GLU B 270 0.52 39.86 20.17
CA GLU B 270 1.13 41.17 19.93
C GLU B 270 2.12 41.21 18.74
N GLY B 271 2.09 40.17 17.90
CA GLY B 271 2.91 40.14 16.69
C GLY B 271 4.29 39.47 16.77
N TYR B 272 4.79 39.22 17.99
CA TYR B 272 6.15 38.69 18.21
C TYR B 272 6.38 37.24 17.69
N ASN B 273 7.65 36.88 17.49
CA ASN B 273 8.03 35.48 17.22
C ASN B 273 8.89 34.95 18.36
N PRO B 274 8.25 34.55 19.47
CA PRO B 274 9.08 34.26 20.64
C PRO B 274 9.69 32.85 20.63
N ALA B 275 9.33 32.06 19.62
CA ALA B 275 9.82 30.68 19.54
C ALA B 275 10.68 30.41 18.29
N PRO B 276 11.56 29.40 18.38
CA PRO B 276 12.25 29.04 17.17
C PRO B 276 11.24 28.45 16.18
N ASP B 277 11.54 28.59 14.89
CA ASP B 277 10.74 28.00 13.83
C ASP B 277 10.94 26.48 13.81
N GLY B 278 9.89 25.76 13.45
CA GLY B 278 10.01 24.33 13.15
C GLY B 278 10.13 24.07 11.65
N GLU B 279 11.03 23.19 11.24
CA GLU B 279 11.15 22.81 9.83
C GLU B 279 11.07 21.33 9.63
N THR B 280 10.48 20.93 8.51
CA THR B 280 10.62 19.54 8.04
C THR B 280 10.78 19.50 6.50
N ILE B 281 11.12 18.35 5.94
CA ILE B 281 11.28 18.24 4.51
C ILE B 281 10.37 17.18 3.99
N ILE B 282 9.56 17.48 2.97
CA ILE B 282 8.71 16.49 2.34
C ILE B 282 9.15 16.21 0.93
N PRO B 283 9.44 14.94 0.62
CA PRO B 283 9.76 14.64 -0.74
C PRO B 283 8.47 14.59 -1.53
N VAL B 284 8.38 15.39 -2.58
CA VAL B 284 7.21 15.34 -3.42
C VAL B 284 7.57 14.74 -4.77
N VAL B 285 6.83 13.73 -5.19
CA VAL B 285 7.13 12.98 -6.40
C VAL B 285 6.01 13.22 -7.42
N THR B 286 6.27 12.97 -8.70
CA THR B 286 5.26 13.16 -9.76
C THR B 286 4.02 12.25 -9.60
N GLU B 287 4.21 10.96 -9.82
CA GLU B 287 3.19 9.95 -9.57
C GLU B 287 3.87 8.86 -8.72
N LEU B 288 3.10 8.28 -7.82
CA LEU B 288 3.54 7.10 -7.13
C LEU B 288 2.60 5.94 -7.44
N ASP B 289 3.09 4.97 -8.21
CA ASP B 289 2.34 3.74 -8.38
C ASP B 289 2.83 2.77 -7.35
N THR B 290 1.99 2.54 -6.35
CA THR B 290 2.23 1.49 -5.38
C THR B 290 1.74 0.18 -5.96
N LYS B 291 2.27 -0.94 -5.47
CA LYS B 291 1.84 -2.25 -5.92
C LYS B 291 0.35 -2.34 -5.67
N LYS B 292 -0.34 -3.13 -6.47
CA LYS B 292 -1.77 -3.26 -6.38
C LYS B 292 -2.05 -4.01 -5.09
N PRO B 293 -3.25 -3.84 -4.51
CA PRO B 293 -3.46 -4.54 -3.22
C PRO B 293 -3.35 -6.04 -3.33
N GLU B 294 -3.60 -6.58 -4.51
CA GLU B 294 -3.56 -8.01 -4.66
C GLU B 294 -2.19 -8.54 -5.03
N ASP B 295 -1.22 -7.62 -5.17
CA ASP B 295 0.19 -7.97 -5.28
C ASP B 295 0.80 -8.40 -3.91
N THR B 296 0.81 -9.71 -3.69
CA THR B 296 1.34 -10.26 -2.45
C THR B 296 2.87 -10.13 -2.39
N ASP B 297 3.50 -9.91 -3.53
CA ASP B 297 4.94 -9.82 -3.54
C ASP B 297 5.44 -8.46 -3.08
N SER B 298 6.75 -8.29 -3.03
CA SER B 298 7.26 -6.98 -2.73
C SER B 298 8.53 -6.74 -3.56
N TYR B 299 8.96 -5.48 -3.65
CA TYR B 299 9.99 -5.07 -4.58
C TYR B 299 11.12 -4.27 -3.92
N THR B 300 12.29 -4.33 -4.55
CA THR B 300 13.43 -3.47 -4.19
C THR B 300 14.17 -3.07 -5.50
N GLY B 301 15.28 -2.34 -5.37
CA GLY B 301 15.99 -1.88 -6.53
C GLY B 301 17.31 -1.26 -6.19
N LEU B 302 17.99 -0.73 -7.19
CA LEU B 302 19.29 -0.12 -7.05
C LEU B 302 19.36 0.92 -8.13
N ILE B 303 19.93 2.07 -7.79
CA ILE B 303 20.35 3.04 -8.81
C ILE B 303 21.82 3.34 -8.59
N ASN B 304 22.61 3.24 -9.65
CA ASN B 304 24.07 3.33 -9.57
C ASN B 304 24.62 2.38 -8.49
N GLY B 305 23.99 1.22 -8.38
CA GLY B 305 24.46 0.19 -7.46
C GLY B 305 24.15 0.35 -5.97
N SER B 306 23.30 1.33 -5.64
CA SER B 306 22.82 1.50 -4.29
C SER B 306 21.32 1.64 -4.26
N ALA B 307 20.72 1.21 -3.17
CA ALA B 307 19.30 1.44 -2.99
C ALA B 307 19.26 2.84 -2.43
N THR B 308 18.52 3.74 -3.06
CA THR B 308 18.35 5.06 -2.48
C THR B 308 16.97 5.08 -1.83
N SER B 309 16.42 6.26 -1.60
CA SER B 309 15.10 6.34 -1.01
C SER B 309 14.63 7.73 -1.35
N LEU B 310 13.35 8.04 -1.15
CA LEU B 310 12.91 9.39 -1.52
C LEU B 310 13.22 10.45 -0.48
N LEU B 311 13.56 10.03 0.74
CA LEU B 311 14.00 11.01 1.74
C LEU B 311 15.39 11.47 1.36
N LYS B 312 16.17 10.54 0.79
CA LYS B 312 17.52 10.82 0.30
C LYS B 312 17.78 10.22 -1.09
N PRO B 313 17.33 10.89 -2.15
CA PRO B 313 17.53 10.26 -3.45
C PRO B 313 18.95 10.38 -3.94
N ALA B 314 19.29 9.55 -4.93
CA ALA B 314 20.55 9.69 -5.63
C ALA B 314 20.63 11.10 -6.20
N LYS B 315 21.75 11.77 -6.00
CA LYS B 315 21.90 13.09 -6.61
C LYS B 315 22.40 12.89 -8.04
N VAL B 316 21.61 13.33 -8.99
CA VAL B 316 21.87 13.06 -10.38
C VAL B 316 21.72 14.35 -11.15
N MSE B 317 22.43 14.44 -12.26
CA MSE B 317 22.59 15.67 -13.00
C MSE B 317 22.02 15.44 -14.41
O MSE B 317 22.18 14.35 -14.97
CB MSE B 317 24.06 15.90 -13.04
CG MSE B 317 24.46 17.27 -13.34
SE MSE B 317 25.13 18.09 -11.72
CE MSE B 317 26.17 19.53 -12.57
N PRO B 318 21.30 16.43 -14.99
CA PRO B 318 20.78 16.11 -16.33
C PRO B 318 21.91 15.88 -17.31
N GLY B 319 21.75 14.91 -18.19
CA GLY B 319 22.70 14.59 -19.26
C GLY B 319 23.28 13.20 -19.07
N GLU B 320 23.22 12.73 -17.85
CA GLU B 320 24.09 11.71 -17.34
C GLU B 320 23.54 10.28 -17.51
N LYS B 321 24.41 9.27 -17.59
CA LYS B 321 23.99 7.87 -17.78
C LYS B 321 23.82 7.27 -16.40
N VAL B 322 22.84 6.41 -16.21
CA VAL B 322 22.67 5.73 -14.90
C VAL B 322 22.38 4.26 -15.09
N SER B 323 22.71 3.45 -14.08
CA SER B 323 22.43 2.04 -14.15
C SER B 323 21.44 1.70 -13.05
N VAL B 324 20.43 0.93 -13.42
CA VAL B 324 19.32 0.68 -12.54
C VAL B 324 19.14 -0.82 -12.44
N SER B 325 18.68 -1.26 -11.28
CA SER B 325 18.37 -2.65 -11.07
C SER B 325 17.02 -2.67 -10.40
N ALA B 326 16.20 -3.67 -10.71
CA ALA B 326 14.88 -3.79 -10.04
C ALA B 326 14.59 -5.26 -9.76
N SER B 327 14.21 -5.57 -8.52
CA SER B 327 14.02 -6.96 -8.14
C SER B 327 12.60 -7.19 -7.67
N LEU B 328 11.95 -8.24 -8.14
CA LEU B 328 10.72 -8.70 -7.51
C LEU B 328 11.06 -9.77 -6.50
N LEU B 329 10.52 -9.67 -5.29
CA LEU B 329 10.87 -10.55 -4.20
C LEU B 329 9.70 -11.49 -3.89
N PRO B 330 9.75 -12.76 -4.37
CA PRO B 330 8.61 -13.63 -4.22
C PRO B 330 8.20 -13.69 -2.78
N ASN B 331 6.91 -13.74 -2.54
CA ASN B 331 6.44 -13.93 -1.19
C ASN B 331 6.58 -15.38 -0.74
N LYS B 332 6.18 -16.34 -1.56
CA LYS B 332 6.29 -17.75 -1.24
C LYS B 332 6.89 -18.41 -2.45
N ALA B 333 7.13 -19.71 -2.41
CA ALA B 333 7.48 -20.41 -3.65
C ALA B 333 6.72 -21.75 -3.77
N PRO B 334 6.33 -22.13 -4.99
CA PRO B 334 6.56 -21.49 -6.28
C PRO B 334 5.54 -20.41 -6.62
N ILE B 335 5.88 -19.54 -7.55
CA ILE B 335 4.93 -18.60 -8.08
C ILE B 335 5.16 -18.57 -9.59
N ARG B 336 4.22 -17.94 -10.32
CA ARG B 336 4.29 -17.82 -11.77
C ARG B 336 4.48 -16.39 -12.15
N VAL B 337 5.56 -16.11 -12.88
CA VAL B 337 5.88 -14.75 -13.36
C VAL B 337 6.16 -14.84 -14.85
N TYR B 338 5.48 -14.00 -15.61
CA TYR B 338 5.62 -13.99 -17.05
C TYR B 338 6.59 -12.91 -17.53
N GLU B 339 6.27 -11.62 -17.36
CA GLU B 339 7.19 -10.55 -17.76
C GLU B 339 7.66 -9.76 -16.60
N ILE B 340 8.90 -9.28 -16.70
CA ILE B 340 9.38 -8.22 -15.83
C ILE B 340 10.20 -7.30 -16.69
N GLY B 341 10.21 -6.03 -16.33
CA GLY B 341 11.09 -5.08 -17.00
C GLY B 341 11.10 -3.78 -16.25
N ILE B 342 12.14 -2.97 -16.46
CA ILE B 342 12.21 -1.62 -15.90
C ILE B 342 11.52 -0.59 -16.81
N ASN B 343 10.65 0.24 -16.22
CA ASN B 343 9.96 1.33 -16.92
C ASN B 343 10.43 2.66 -16.36
N ALA B 344 11.06 3.47 -17.20
CA ALA B 344 11.78 4.63 -16.71
C ALA B 344 10.89 5.85 -16.69
N PRO B 345 11.22 6.88 -15.91
CA PRO B 345 10.50 8.11 -16.06
C PRO B 345 10.37 8.45 -17.51
N GLU B 346 9.27 9.11 -17.84
CA GLU B 346 9.05 9.62 -19.17
C GLU B 346 10.25 10.49 -19.60
N ASP B 347 10.70 10.29 -20.84
CA ASP B 347 11.83 10.98 -21.47
C ASP B 347 13.18 10.30 -21.28
N VAL B 348 13.30 9.45 -20.26
CA VAL B 348 14.56 8.78 -19.98
C VAL B 348 14.77 7.63 -21.00
N LYS B 349 15.95 7.57 -21.60
CA LYS B 349 16.19 6.62 -22.72
C LYS B 349 16.87 5.34 -22.28
N TYR B 350 16.33 4.20 -22.69
CA TYR B 350 16.97 2.93 -22.43
C TYR B 350 18.17 2.78 -23.36
N ILE B 351 19.31 2.38 -22.80
CA ILE B 351 20.49 2.13 -23.61
C ILE B 351 20.43 0.72 -24.26
N ASP B 352 20.42 0.66 -25.60
CA ASP B 352 20.33 -0.63 -26.28
C ASP B 352 21.38 -1.59 -25.80
N GLY B 353 20.91 -2.82 -25.54
CA GLY B 353 21.78 -3.94 -25.27
C GLY B 353 22.25 -4.02 -23.83
N THR B 354 21.60 -3.28 -22.93
CA THR B 354 22.05 -3.27 -21.55
C THR B 354 21.10 -4.02 -20.65
N GLY B 355 19.89 -4.24 -21.17
CA GLY B 355 18.82 -4.89 -20.42
C GLY B 355 19.01 -6.38 -20.38
N LYS B 356 18.86 -6.95 -19.19
CA LYS B 356 18.99 -8.39 -18.98
C LYS B 356 18.46 -8.82 -17.63
N THR B 357 18.15 -10.12 -17.50
CA THR B 357 17.64 -10.72 -16.24
C THR B 357 18.63 -11.71 -15.61
N ASN B 358 18.41 -12.07 -14.33
CA ASN B 358 19.05 -13.18 -13.58
C ASN B 358 18.91 -14.54 -14.19
N TYR B 359 18.65 -14.63 -15.47
CA TYR B 359 18.25 -15.93 -15.97
C TYR B 359 17.97 -15.69 -17.41
N SER B 360 18.22 -16.70 -18.23
CA SER B 360 18.07 -16.51 -19.67
C SER B 360 16.62 -16.16 -19.96
N SER B 361 16.45 -15.22 -20.88
CA SER B 361 15.13 -14.66 -21.09
C SER B 361 15.04 -14.11 -22.47
N LYS B 362 13.82 -13.94 -22.94
CA LYS B 362 13.62 -13.39 -24.24
C LYS B 362 13.00 -12.03 -24.11
N LEU B 363 13.49 -11.07 -24.88
CA LEU B 363 12.95 -9.73 -24.80
C LEU B 363 11.74 -9.67 -25.67
N ALA B 364 10.58 -9.84 -25.09
CA ALA B 364 9.35 -9.92 -25.87
C ALA B 364 8.67 -8.58 -26.07
N THR B 365 8.69 -7.72 -25.05
CA THR B 365 7.97 -6.45 -25.13
C THR B 365 8.88 -5.20 -25.21
N THR B 366 8.60 -4.37 -26.22
CA THR B 366 9.30 -3.13 -26.38
C THR B 366 8.24 -2.07 -26.35
N GLY B 367 8.38 -1.08 -25.47
CA GLY B 367 7.32 -0.13 -25.26
C GLY B 367 6.14 -0.88 -24.69
N SER B 368 5.01 -0.84 -25.35
CA SER B 368 3.86 -1.58 -24.83
C SER B 368 3.47 -2.63 -25.85
N VAL B 369 4.33 -2.83 -26.83
CA VAL B 369 4.11 -3.72 -27.94
C VAL B 369 4.83 -5.03 -27.72
N PHE B 370 4.06 -6.12 -27.76
CA PHE B 370 4.55 -7.48 -27.54
C PHE B 370 4.77 -8.22 -28.87
N SER B 371 5.90 -8.93 -29.03
CA SER B 371 6.08 -9.79 -30.23
C SER B 371 6.37 -11.19 -29.76
N SER B 372 5.43 -12.10 -29.94
CA SER B 372 5.63 -13.43 -29.38
C SER B 372 6.95 -14.03 -29.84
N PRO B 373 7.82 -14.36 -28.89
CA PRO B 373 8.99 -15.18 -29.23
C PRO B 373 8.68 -16.67 -29.47
N GLY B 374 7.42 -17.08 -29.31
CA GLY B 374 7.04 -18.45 -29.65
C GLY B 374 5.82 -18.89 -28.88
N SER B 375 5.31 -20.08 -29.17
CA SER B 375 4.17 -20.60 -28.42
C SER B 375 4.55 -20.66 -26.99
N GLY B 376 3.57 -20.53 -26.13
CA GLY B 376 3.89 -20.60 -24.74
C GLY B 376 4.57 -19.37 -24.18
N TYR B 377 4.65 -18.27 -24.92
CA TYR B 377 4.94 -16.99 -24.28
C TYR B 377 3.64 -16.24 -24.21
N TYR B 378 3.34 -15.68 -23.05
CA TYR B 378 2.03 -15.03 -22.87
C TYR B 378 2.07 -13.52 -23.08
N ASP B 379 1.19 -13.04 -23.94
CA ASP B 379 1.04 -11.62 -24.28
C ASP B 379 0.43 -10.87 -23.09
N PRO B 380 1.16 -9.91 -22.50
CA PRO B 380 0.64 -9.15 -21.37
C PRO B 380 -0.44 -8.17 -21.80
N GLU B 381 -0.54 -7.94 -23.10
CA GLU B 381 -1.61 -7.11 -23.64
C GLU B 381 -1.77 -5.79 -22.89
N TRP B 382 -0.67 -5.04 -22.87
CA TRP B 382 -0.56 -3.75 -22.19
C TRP B 382 -1.43 -2.74 -22.87
N LYS B 383 -1.75 -2.95 -24.14
CA LYS B 383 -2.50 -1.98 -24.91
C LYS B 383 -3.92 -1.89 -24.41
N ASN B 384 -4.31 -2.78 -23.51
CA ASN B 384 -5.68 -2.73 -22.99
C ASN B 384 -5.69 -2.35 -21.53
N GLU B 385 -4.50 -2.08 -20.99
CA GLU B 385 -4.37 -1.56 -19.64
C GLU B 385 -4.52 -0.08 -19.73
N SER B 386 -5.01 0.54 -18.66
CA SER B 386 -5.20 1.98 -18.71
C SER B 386 -3.88 2.70 -18.47
N LYS B 387 -3.02 2.13 -17.65
CA LYS B 387 -1.72 2.74 -17.50
C LYS B 387 -0.70 1.85 -18.18
N LYS B 388 -0.03 2.37 -19.20
CA LYS B 388 0.86 1.57 -20.09
C LYS B 388 2.32 1.91 -19.89
N PRO B 389 3.20 0.92 -20.11
CA PRO B 389 4.65 1.18 -20.14
C PRO B 389 4.97 2.19 -21.25
N ASN B 390 6.06 2.94 -21.13
CA ASN B 390 6.45 3.86 -22.19
C ASN B 390 7.61 3.32 -23.03
N GLU B 391 8.14 4.16 -23.92
CA GLU B 391 9.18 3.73 -24.87
C GLU B 391 10.42 3.13 -24.21
N SER B 392 10.66 3.43 -22.93
CA SER B 392 11.86 2.93 -22.28
C SER B 392 11.73 1.46 -21.84
N TYR B 393 10.51 0.95 -21.74
CA TYR B 393 10.30 -0.34 -21.14
C TYR B 393 10.73 -1.43 -22.09
N ARG B 394 11.39 -2.44 -21.52
CA ARG B 394 11.75 -3.63 -22.25
C ARG B 394 11.42 -4.77 -21.32
N GLY B 395 10.48 -5.63 -21.75
CA GLY B 395 9.99 -6.72 -20.91
C GLY B 395 10.45 -8.12 -21.33
N PHE B 396 10.91 -8.87 -20.35
CA PHE B 396 11.63 -10.11 -20.58
C PHE B 396 10.86 -11.30 -20.08
N HIS B 397 10.92 -12.41 -20.81
CA HIS B 397 10.24 -13.62 -20.40
C HIS B 397 11.26 -14.72 -20.25
N SER B 398 11.13 -15.52 -19.21
CA SER B 398 12.04 -16.65 -19.03
C SER B 398 11.97 -17.56 -20.25
N ASP B 399 13.09 -18.13 -20.64
CA ASP B 399 13.07 -19.07 -21.75
C ASP B 399 12.97 -20.51 -21.27
N THR B 400 12.64 -20.69 -20.01
CA THR B 400 12.24 -22.01 -19.49
C THR B 400 10.84 -21.83 -18.93
N SER B 401 10.45 -22.60 -17.93
CA SER B 401 9.14 -22.44 -17.36
C SER B 401 8.98 -21.07 -16.72
N TYR B 402 7.75 -20.59 -16.73
CA TYR B 402 7.34 -19.39 -16.00
C TYR B 402 7.28 -19.61 -14.48
N SER B 403 7.64 -20.79 -14.03
CA SER B 403 7.62 -21.00 -12.59
C SER B 403 8.87 -20.47 -11.92
N VAL B 404 8.68 -19.70 -10.86
CA VAL B 404 9.75 -19.26 -10.01
C VAL B 404 9.81 -20.27 -8.90
N VAL B 405 10.89 -21.02 -8.81
CA VAL B 405 10.85 -22.17 -7.93
C VAL B 405 11.31 -21.87 -6.53
N ASP B 406 11.93 -20.72 -6.32
CA ASP B 406 12.41 -20.34 -4.98
C ASP B 406 12.12 -18.87 -4.68
N THR B 407 12.31 -18.43 -3.45
CA THR B 407 12.02 -17.02 -3.12
C THR B 407 13.18 -16.05 -3.39
N SER B 408 14.13 -16.42 -4.24
CA SER B 408 15.26 -15.52 -4.45
C SER B 408 14.88 -14.47 -5.51
N PRO B 409 15.38 -13.24 -5.35
CA PRO B 409 14.94 -12.12 -6.18
C PRO B 409 14.95 -12.43 -7.66
N GLN B 410 13.89 -12.02 -8.38
CA GLN B 410 13.83 -12.04 -9.85
C GLN B 410 14.21 -10.63 -10.36
N THR B 411 15.37 -10.47 -10.98
CA THR B 411 15.92 -9.15 -11.20
C THR B 411 16.08 -8.80 -12.69
N VAL B 412 15.67 -7.60 -13.05
CA VAL B 412 16.07 -7.08 -14.33
C VAL B 412 16.94 -5.82 -14.07
N SER B 413 18.03 -5.69 -14.81
CA SER B 413 18.87 -4.49 -14.74
C SER B 413 19.20 -3.94 -16.11
N ALA B 414 19.43 -2.65 -16.18
CA ALA B 414 19.67 -2.04 -17.47
C ALA B 414 20.31 -0.68 -17.29
N GLU B 415 20.63 0.00 -18.38
CA GLU B 415 21.19 1.32 -18.25
C GLU B 415 20.37 2.31 -19.00
N PHE B 416 20.28 3.50 -18.42
CA PHE B 416 19.46 4.57 -18.90
C PHE B 416 20.19 5.89 -19.04
N GLU B 417 19.59 6.75 -19.85
CA GLU B 417 20.17 8.01 -20.24
C GLU B 417 19.24 9.11 -19.78
N ILE B 418 19.72 10.02 -18.93
CA ILE B 418 18.91 11.16 -18.47
C ILE B 418 19.09 12.38 -19.38
N PRO B 419 18.01 12.81 -20.08
CA PRO B 419 18.14 13.90 -21.08
C PRO B 419 18.70 15.16 -20.46
N MLZ B 420 19.38 16.01 -21.23
CA MLZ B 420 19.94 17.24 -20.62
CB MLZ B 420 20.95 17.97 -21.50
CG MLZ B 420 21.86 17.06 -22.29
CD MLZ B 420 23.14 17.79 -22.69
CE MLZ B 420 23.34 17.65 -24.19
NZ MLZ B 420 24.66 18.03 -24.67
CM MLZ B 420 25.44 16.94 -25.22
C MLZ B 420 18.82 18.17 -20.22
O MLZ B 420 19.03 19.16 -19.51
N THR B 421 17.62 17.83 -20.66
CA THR B 421 16.45 18.65 -20.43
C THR B 421 15.56 18.15 -19.29
N LEU B 422 15.94 17.11 -18.56
CA LEU B 422 15.03 16.63 -17.52
C LEU B 422 14.78 17.77 -16.51
N ALA B 423 13.52 18.21 -16.36
CA ALA B 423 13.14 19.23 -15.37
C ALA B 423 13.51 18.82 -13.92
N PRO B 424 13.86 19.82 -13.07
CA PRO B 424 14.11 19.59 -11.64
C PRO B 424 13.02 18.75 -11.02
N GLY B 425 13.39 17.88 -10.06
CA GLY B 425 12.41 17.13 -9.27
C GLY B 425 12.91 15.76 -8.85
N ILE B 426 12.00 14.95 -8.32
CA ILE B 426 12.29 13.62 -7.87
C ILE B 426 11.63 12.59 -8.80
N TYR B 427 12.37 11.55 -9.13
CA TYR B 427 12.00 10.63 -10.17
C TYR B 427 12.38 9.25 -9.65
N MSE B 428 11.58 8.21 -9.97
CA MSE B 428 11.91 6.82 -9.63
C MSE B 428 11.79 6.00 -10.87
O MSE B 428 11.06 6.38 -11.80
CB MSE B 428 10.88 6.24 -8.67
CG MSE B 428 11.08 6.51 -7.21
SE MSE B 428 9.41 6.07 -6.32
CE MSE B 428 8.35 7.51 -7.03
N PHE B 429 12.43 4.86 -10.89
CA PHE B 429 12.12 3.87 -11.91
C PHE B 429 10.99 2.94 -11.46
N GLN B 430 10.31 2.33 -12.41
CA GLN B 430 9.27 1.37 -12.07
C GLN B 430 9.62 0.01 -12.58
N MSE B 431 9.04 -1.02 -11.99
CA MSE B 431 9.05 -2.37 -12.59
C MSE B 431 7.69 -2.65 -13.19
O MSE B 431 6.65 -2.42 -12.53
CB MSE B 431 9.37 -3.46 -11.58
CG MSE B 431 9.93 -4.76 -12.19
SE MSE B 431 10.30 -6.05 -10.78
CE MSE B 431 11.61 -7.10 -11.69
N GLY B 432 7.69 -3.10 -14.44
CA GLY B 432 6.49 -3.65 -15.07
C GLY B 432 6.43 -5.14 -14.70
N VAL B 433 5.26 -5.64 -14.32
CA VAL B 433 5.13 -7.07 -14.03
C VAL B 433 3.88 -7.65 -14.62
N TYR B 434 3.97 -8.89 -15.06
CA TYR B 434 2.81 -9.63 -15.51
C TYR B 434 3.08 -10.99 -14.91
N LYS B 435 2.19 -11.42 -14.00
CA LYS B 435 2.43 -12.60 -13.17
C LYS B 435 1.14 -13.16 -12.65
N TYR B 436 1.22 -14.36 -12.06
CA TYR B 436 0.06 -15.06 -11.45
C TYR B 436 -0.81 -15.79 -12.44
N SER B 437 -1.35 -16.93 -11.97
CA SER B 437 -2.44 -17.70 -12.59
C SER B 437 -3.62 -16.78 -12.89
N ASN B 438 -4.23 -16.21 -11.85
CA ASN B 438 -5.23 -15.15 -12.02
C ASN B 438 -4.38 -13.93 -12.26
N SER B 439 -4.14 -13.64 -13.53
CA SER B 439 -2.95 -12.88 -13.92
C SER B 439 -3.06 -11.37 -13.74
N LEU B 440 -2.16 -10.77 -12.97
CA LEU B 440 -2.20 -9.32 -12.89
C LEU B 440 -1.09 -8.65 -13.71
N LYS B 441 -1.30 -7.38 -13.99
CA LYS B 441 -0.35 -6.57 -14.73
C LYS B 441 -0.22 -5.27 -13.94
N ASP B 442 1.00 -4.83 -13.70
CA ASP B 442 1.21 -3.68 -12.84
C ASP B 442 2.51 -2.95 -13.19
N LEU B 443 2.54 -1.64 -12.93
CA LEU B 443 3.77 -0.86 -12.98
C LEU B 443 3.99 -0.31 -11.60
N VAL B 444 5.13 -0.65 -11.00
CA VAL B 444 5.33 -0.35 -9.58
C VAL B 444 6.56 0.51 -9.35
N SER B 445 6.33 1.70 -8.79
CA SER B 445 7.38 2.65 -8.44
C SER B 445 8.27 2.08 -7.37
N ILE B 446 9.58 2.10 -7.62
CA ILE B 446 10.54 1.52 -6.70
C ILE B 446 11.31 2.65 -6.06
N PRO B 447 10.98 3.00 -4.81
CA PRO B 447 11.62 4.14 -4.16
C PRO B 447 13.11 3.92 -4.00
N GLU B 448 13.59 2.69 -4.18
CA GLU B 448 15.02 2.44 -4.01
C GLU B 448 15.79 2.84 -5.27
N THR B 449 15.08 3.29 -6.30
CA THR B 449 15.71 3.76 -7.50
C THR B 449 15.59 5.28 -7.64
N ALA B 450 15.06 5.94 -6.61
CA ALA B 450 14.72 7.37 -6.73
C ALA B 450 15.94 8.26 -6.95
N PHE B 451 15.82 9.26 -7.80
CA PHE B 451 16.87 10.25 -7.96
C PHE B 451 16.28 11.65 -8.00
N GLU B 452 17.08 12.64 -7.62
CA GLU B 452 16.62 14.02 -7.68
C GLU B 452 17.48 14.79 -8.66
N ILE B 453 16.82 15.53 -9.54
CA ILE B 453 17.47 16.57 -10.31
C ILE B 453 17.35 17.83 -9.51
N ALA B 454 18.47 18.38 -9.07
CA ALA B 454 18.43 19.51 -8.12
C ALA B 454 17.63 20.71 -8.64
N GLY B 455 17.19 21.54 -7.70
CA GLY B 455 16.40 22.70 -8.03
C GLY B 455 17.16 23.96 -7.68
N PRO B 456 16.48 25.10 -7.71
CA PRO B 456 17.12 26.36 -7.35
C PRO B 456 17.30 26.46 -5.83
N ASP B 457 18.21 27.33 -5.40
CA ASP B 457 18.44 27.53 -3.97
C ASP B 457 17.22 28.20 -3.33
N LEU B 458 17.02 27.95 -2.05
CA LEU B 458 15.99 28.62 -1.27
C LEU B 458 16.43 30.03 -0.91
N PRO B 459 15.49 31.00 -0.92
CA PRO B 459 15.82 32.31 -0.34
C PRO B 459 15.92 32.11 1.15
N ALA B 460 16.43 33.10 1.87
CA ALA B 460 16.41 33.02 3.31
C ALA B 460 15.00 33.32 3.77
N LEU B 461 14.58 32.64 4.83
CA LEU B 461 13.43 33.09 5.59
C LEU B 461 13.63 34.52 6.06
N PRO B 462 12.59 35.36 5.94
CA PRO B 462 12.59 36.69 6.58
C PRO B 462 12.88 36.62 8.07
N GLU B 463 13.80 37.46 8.53
CA GLU B 463 14.21 37.52 9.95
C GLU B 463 12.98 37.50 10.85
N ARG B 464 13.06 36.76 11.96
CA ARG B 464 11.97 36.78 12.94
C ARG B 464 12.02 38.05 13.81
N LYS B 465 10.88 38.47 14.36
CA LYS B 465 10.79 39.66 15.21
C LYS B 465 10.61 39.30 16.69
N ILE B 466 11.51 39.78 17.54
CA ILE B 466 11.48 39.53 18.98
C ILE B 466 11.25 40.82 19.77
N LYS B 467 10.42 40.76 20.82
CA LYS B 467 10.17 41.93 21.67
C LYS B 467 11.50 42.50 22.18
N PRO B 468 11.73 43.80 21.95
CA PRO B 468 13.05 44.41 22.20
C PRO B 468 13.35 44.64 23.70
CL CL C . 5.07 -23.33 -18.27
#